data_6ZBX
#
_entry.id   6ZBX
#
_cell.length_a   47.373
_cell.length_b   51.087
_cell.length_c   66.198
_cell.angle_alpha   93.610
_cell.angle_beta   92.360
_cell.angle_gamma   98.210
#
_symmetry.space_group_name_H-M   'P 1'
#
loop_
_entity.id
_entity.type
_entity.pdbx_description
1 polymer Alpha-1,6-mannanase
2 polymer UNK-UNK-UNK-UNK
3 non-polymer 1,2-ETHANEDIOL
4 non-polymer (1~{S},4~{S},5~{R})-6-(hydroxymethyl)cyclohexane-1,2,3,4,5-pentol
5 non-polymer (1~{S},2~{R},3~{S},4~{R},5~{R})-5-(hydroxymethyl)cyclohexane-1,2,3,4-tetrol
6 non-polymer alpha-D-mannopyranose
7 water water
#
loop_
_entity_poly.entity_id
_entity_poly.type
_entity_poly.pdbx_seq_one_letter_code
_entity_poly.pdbx_strand_id
1 'polypeptide(L)'
;MGSSHHHHHHSSGLEVLFQGPAYTASDGDTAMKAFNDTFWDPNAKMFWKDSKREKHQDFWVEAELWELVMDAYQHTSDPA
LKAELKTQIDDVYDGTVAKYGQDWTNNPFNDDIMWWAMGSARAYQITGNPRYLEAARDHFDFVYDTQWDEEFANGGIWWL
NSDHNTKNACINFPAAQAALYLYDITKDEHYLNAATKIFRWGKTMLTDGNGKVFDRIEIEHGAVPDATHYNQGTYIGSAV
GLYKATGNAVYLDDAVKAAKFTKNHLVDSNGVLNYEGPNGDLKGGKTILMRNLAHLQKTLDETGQYPEFSAEFDEWLAFN
IEMAWSHQNSDHIVDGNWAGQLLSGTYESWSSAAAVQALNGI
;
A,B
2 'polypeptide(L)' (UNK)(UNK)(UNK)(UNK) E
#
# COMPACT_ATOMS: atom_id res chain seq x y z
N ALA A 25 12.54 -14.07 -31.75
CA ALA A 25 11.06 -14.04 -31.76
C ALA A 25 10.59 -13.74 -30.35
N SER A 26 9.35 -13.25 -30.18
CA SER A 26 8.88 -12.79 -28.85
C SER A 26 7.37 -12.97 -28.68
N ASP A 27 6.99 -13.12 -27.42
CA ASP A 27 5.58 -13.13 -26.96
C ASP A 27 4.97 -11.76 -27.33
N GLY A 28 5.75 -10.66 -27.36
CA GLY A 28 5.23 -9.36 -27.79
C GLY A 28 4.78 -9.35 -29.23
N ASP A 29 5.49 -10.06 -30.08
CA ASP A 29 5.10 -10.25 -31.50
C ASP A 29 3.72 -10.92 -31.57
N THR A 30 3.55 -12.06 -30.92
CA THR A 30 2.30 -12.85 -30.93
C THR A 30 1.19 -11.93 -30.47
N ALA A 31 1.44 -11.21 -29.35
CA ALA A 31 0.43 -10.40 -28.67
C ALA A 31 -0.03 -9.28 -29.61
N MET A 32 0.91 -8.60 -30.26
CA MET A 32 0.54 -7.48 -31.13
C MET A 32 -0.17 -7.98 -32.40
N LYS A 33 0.32 -9.08 -32.99
CA LYS A 33 -0.35 -9.68 -34.17
C LYS A 33 -1.80 -10.02 -33.80
N ALA A 34 -2.00 -10.68 -32.68
CA ALA A 34 -3.35 -11.06 -32.24
C ALA A 34 -4.23 -9.85 -32.03
N PHE A 35 -3.67 -8.80 -31.42
CA PHE A 35 -4.41 -7.57 -31.15
C PHE A 35 -4.90 -6.99 -32.49
N ASN A 36 -4.00 -6.86 -33.46
CA ASN A 36 -4.35 -6.32 -34.79
C ASN A 36 -5.39 -7.24 -35.45
N ASP A 37 -5.19 -8.53 -35.40
CA ASP A 37 -6.12 -9.47 -36.06
C ASP A 37 -7.51 -9.31 -35.46
N THR A 38 -7.58 -9.13 -34.15
CA THR A 38 -8.87 -8.99 -33.44
C THR A 38 -9.49 -7.62 -33.64
N PHE A 39 -8.71 -6.55 -33.58
CA PHE A 39 -9.33 -5.22 -33.37
C PHE A 39 -9.00 -4.22 -34.48
N TRP A 40 -8.04 -4.44 -35.36
CA TRP A 40 -7.71 -3.42 -36.39
C TRP A 40 -8.71 -3.42 -37.57
N ASP A 41 -9.16 -2.25 -37.99
CA ASP A 41 -10.02 -2.07 -39.18
C ASP A 41 -9.19 -1.47 -40.29
N PRO A 42 -8.72 -2.28 -41.28
CA PRO A 42 -7.91 -1.69 -42.35
C PRO A 42 -8.70 -0.81 -43.32
N ASN A 43 -10.03 -0.90 -43.28
CA ASN A 43 -10.91 -0.11 -44.20
C ASN A 43 -10.99 1.31 -43.65
N ALA A 44 -11.36 1.50 -42.39
CA ALA A 44 -11.43 2.83 -41.74
C ALA A 44 -10.06 3.28 -41.22
N LYS A 45 -9.04 2.44 -41.23
CA LYS A 45 -7.72 2.73 -40.65
C LYS A 45 -7.92 3.20 -39.19
N MET A 46 -8.70 2.44 -38.43
CA MET A 46 -8.96 2.70 -36.99
C MET A 46 -9.09 1.38 -36.26
N PHE A 47 -8.84 1.36 -34.96
CA PHE A 47 -9.17 0.16 -34.14
C PHE A 47 -10.65 0.16 -33.84
N TRP A 48 -11.24 -1.00 -33.93
CA TRP A 48 -12.58 -1.26 -33.38
C TRP A 48 -12.51 -1.11 -31.86
N LYS A 49 -13.64 -0.72 -31.25
CA LYS A 49 -13.75 -0.57 -29.80
C LYS A 49 -13.77 -1.93 -29.14
N ASP A 50 -14.35 -2.90 -29.84
CA ASP A 50 -14.45 -4.26 -29.26
C ASP A 50 -14.44 -5.32 -30.36
N SER A 51 -14.44 -6.61 -30.00
CA SER A 51 -14.18 -7.73 -30.94
C SER A 51 -15.39 -8.04 -31.81
N LYS A 52 -16.54 -7.42 -31.53
CA LYS A 52 -17.73 -7.47 -32.42
C LYS A 52 -17.53 -6.58 -33.68
N ARG A 53 -16.54 -5.66 -33.70
CA ARG A 53 -16.19 -4.91 -34.92
C ARG A 53 -17.40 -4.08 -35.37
N GLU A 54 -17.97 -3.28 -34.46
CA GLU A 54 -19.20 -2.48 -34.73
C GLU A 54 -18.94 -0.98 -34.73
N LYS A 55 -18.33 -0.47 -33.67
CA LYS A 55 -17.99 0.96 -33.55
C LYS A 55 -16.49 1.06 -33.36
N HIS A 56 -15.92 2.13 -33.87
CA HIS A 56 -14.48 2.43 -33.71
C HIS A 56 -14.18 2.98 -32.31
N GLN A 57 -12.89 2.91 -32.00
CA GLN A 57 -12.37 3.33 -30.70
C GLN A 57 -12.64 4.82 -30.50
N ASP A 58 -12.78 5.19 -29.23
CA ASP A 58 -12.90 6.61 -28.80
C ASP A 58 -11.62 7.42 -29.11
N PHE A 59 -11.77 8.70 -29.34
CA PHE A 59 -10.70 9.58 -29.86
C PHE A 59 -9.42 9.45 -29.03
N TRP A 60 -9.47 9.76 -27.75
CA TRP A 60 -8.21 9.80 -27.00
C TRP A 60 -7.60 8.41 -26.90
N VAL A 61 -8.42 7.36 -26.63
CA VAL A 61 -7.87 6.01 -26.52
C VAL A 61 -7.15 5.60 -27.80
N GLU A 62 -7.64 6.04 -28.94
CA GLU A 62 -7.00 5.71 -30.23
C GLU A 62 -5.58 6.23 -30.24
N ALA A 63 -5.27 7.37 -29.62
CA ALA A 63 -3.87 7.89 -29.57
C ALA A 63 -3.03 6.91 -28.73
N GLU A 64 -3.63 6.27 -27.73
CA GLU A 64 -2.88 5.34 -26.87
C GLU A 64 -2.65 4.01 -27.57
N LEU A 65 -3.59 3.58 -28.41
CA LEU A 65 -3.35 2.44 -29.31
C LEU A 65 -2.32 2.78 -30.37
N TRP A 66 -2.30 4.03 -30.86
CA TRP A 66 -1.26 4.51 -31.80
C TRP A 66 0.10 4.31 -31.16
N GLU A 67 0.25 4.77 -29.93
CA GLU A 67 1.53 4.57 -29.25
C GLU A 67 1.85 3.10 -29.01
N LEU A 68 0.86 2.25 -28.80
CA LEU A 68 1.19 0.81 -28.65
C LEU A 68 1.75 0.27 -29.97
N VAL A 69 1.18 0.65 -31.09
CA VAL A 69 1.76 0.30 -32.41
C VAL A 69 3.21 0.74 -32.48
N MET A 70 3.49 1.95 -32.02
CA MET A 70 4.87 2.47 -32.04
C MET A 70 5.78 1.63 -31.13
N ASP A 71 5.34 1.35 -29.95
CA ASP A 71 6.10 0.54 -28.95
C ASP A 71 6.42 -0.82 -29.55
N ALA A 72 5.43 -1.46 -30.15
CA ALA A 72 5.63 -2.80 -30.75
C ALA A 72 6.57 -2.65 -31.94
N TYR A 73 6.51 -1.56 -32.71
CA TYR A 73 7.42 -1.29 -33.86
C TYR A 73 8.86 -1.26 -33.36
N GLN A 74 9.08 -0.60 -32.21
CA GLN A 74 10.43 -0.45 -31.62
C GLN A 74 10.88 -1.79 -30.99
N HIS A 75 9.96 -2.60 -30.48
CA HIS A 75 10.27 -3.80 -29.72
C HIS A 75 10.60 -4.96 -30.63
N THR A 76 9.94 -5.07 -31.77
CA THR A 76 9.98 -6.29 -32.59
C THR A 76 11.28 -6.31 -33.39
N SER A 77 11.77 -7.52 -33.66
CA SER A 77 12.76 -7.70 -34.76
C SER A 77 12.20 -8.65 -35.83
N ASP A 78 10.88 -8.94 -35.83
CA ASP A 78 10.21 -9.70 -36.92
C ASP A 78 10.07 -8.75 -38.10
N PRO A 79 10.67 -9.05 -39.26
CA PRO A 79 10.74 -8.08 -40.36
C PRO A 79 9.38 -7.77 -40.98
N ALA A 80 8.49 -8.74 -40.99
CA ALA A 80 7.12 -8.55 -41.53
C ALA A 80 6.39 -7.64 -40.55
N LEU A 81 6.43 -7.98 -39.27
CA LEU A 81 5.69 -7.18 -38.26
C LEU A 81 6.29 -5.77 -38.20
N LYS A 82 7.61 -5.63 -38.26
CA LYS A 82 8.26 -4.30 -38.18
C LYS A 82 7.76 -3.39 -39.31
N ALA A 83 7.78 -3.85 -40.56
CA ALA A 83 7.29 -3.06 -41.71
C ALA A 83 5.79 -2.83 -41.58
N GLU A 84 4.97 -3.83 -41.16
CA GLU A 84 3.51 -3.62 -41.06
C GLU A 84 3.27 -2.50 -40.05
N LEU A 85 3.91 -2.60 -38.90
CA LEU A 85 3.64 -1.63 -37.81
C LEU A 85 4.09 -0.24 -38.24
N LYS A 86 5.21 -0.14 -38.97
CA LYS A 86 5.68 1.21 -39.38
C LYS A 86 4.62 1.83 -40.28
N THR A 87 4.07 1.05 -41.21
CA THR A 87 3.00 1.55 -42.09
C THR A 87 1.77 1.96 -41.27
N GLN A 88 1.44 1.11 -40.33
CA GLN A 88 0.25 1.30 -39.47
C GLN A 88 0.36 2.60 -38.65
N ILE A 89 1.57 3.08 -38.36
CA ILE A 89 1.74 4.36 -37.65
C ILE A 89 1.04 5.40 -38.54
N ASP A 90 1.34 5.41 -39.85
CA ASP A 90 0.77 6.41 -40.80
C ASP A 90 -0.73 6.17 -40.93
N ASP A 91 -1.14 4.91 -41.07
CA ASP A 91 -2.56 4.60 -41.31
C ASP A 91 -3.39 5.11 -40.12
N VAL A 92 -2.99 4.83 -38.89
CA VAL A 92 -3.79 5.22 -37.70
C VAL A 92 -4.08 6.72 -37.80
N TYR A 93 -3.05 7.52 -38.06
CA TYR A 93 -3.18 8.98 -38.22
C TYR A 93 -4.20 9.31 -39.32
N ASP A 94 -4.03 8.69 -40.49
CA ASP A 94 -4.93 8.99 -41.63
C ASP A 94 -6.38 8.65 -41.28
N GLY A 95 -6.63 7.50 -40.65
CA GLY A 95 -8.00 7.14 -40.26
C GLY A 95 -8.60 8.19 -39.35
N THR A 96 -7.83 8.61 -38.34
CA THR A 96 -8.33 9.58 -37.35
C THR A 96 -8.58 10.92 -38.06
N VAL A 97 -7.67 11.41 -38.91
CA VAL A 97 -7.81 12.71 -39.63
C VAL A 97 -9.03 12.65 -40.56
N ALA A 98 -9.27 11.48 -41.17
CA ALA A 98 -10.41 11.31 -42.08
C ALA A 98 -11.73 11.57 -41.34
N LYS A 99 -11.78 11.21 -40.09
CA LYS A 99 -13.03 11.32 -39.31
C LYS A 99 -13.10 12.66 -38.55
N TYR A 100 -12.05 13.07 -37.88
CA TYR A 100 -12.09 14.18 -36.89
C TYR A 100 -11.41 15.44 -37.46
N GLY A 101 -10.78 15.38 -38.64
CA GLY A 101 -10.00 16.53 -39.16
C GLY A 101 -8.60 16.56 -38.62
N GLN A 102 -7.79 17.49 -39.13
CA GLN A 102 -6.34 17.67 -38.81
C GLN A 102 -6.23 18.61 -37.60
N ASP A 103 -7.22 19.48 -37.37
CA ASP A 103 -7.16 20.50 -36.31
C ASP A 103 -8.08 20.11 -35.16
N TRP A 104 -7.47 19.67 -34.04
CA TRP A 104 -8.18 19.09 -32.89
C TRP A 104 -8.41 20.18 -31.86
N THR A 105 -8.07 21.44 -32.16
CA THR A 105 -8.10 22.51 -31.13
C THR A 105 -9.56 22.91 -30.84
N ASN A 106 -10.58 22.48 -31.61
CA ASN A 106 -12.00 22.78 -31.27
C ASN A 106 -12.57 21.77 -30.27
N ASN A 107 -11.78 20.79 -29.87
CA ASN A 107 -12.14 19.79 -28.83
C ASN A 107 -12.03 20.48 -27.49
N PRO A 108 -13.09 20.54 -26.67
CA PRO A 108 -13.01 21.25 -25.38
C PRO A 108 -12.04 20.56 -24.41
N PHE A 109 -11.73 19.28 -24.63
CA PHE A 109 -10.89 18.49 -23.69
C PHE A 109 -9.41 18.72 -24.04
N ASN A 110 -8.70 19.47 -23.20
CA ASN A 110 -7.28 19.71 -23.47
C ASN A 110 -6.54 18.37 -23.43
N ASP A 111 -6.96 17.41 -22.62
CA ASP A 111 -6.30 16.08 -22.57
C ASP A 111 -6.42 15.44 -23.95
N ASP A 112 -7.59 15.49 -24.61
CA ASP A 112 -7.70 14.87 -25.96
C ASP A 112 -6.64 15.42 -26.89
N ILE A 113 -6.51 16.74 -26.85
CA ILE A 113 -5.55 17.42 -27.75
C ILE A 113 -4.13 16.95 -27.44
N MET A 114 -3.81 16.90 -26.16
CA MET A 114 -2.43 16.58 -25.74
C MET A 114 -2.07 15.10 -25.96
N TRP A 115 -2.98 14.15 -25.78
CA TRP A 115 -2.68 12.72 -26.07
C TRP A 115 -2.28 12.54 -27.53
N TRP A 116 -2.94 13.30 -28.41
CA TRP A 116 -2.62 13.21 -29.85
C TRP A 116 -1.39 14.07 -30.20
N ALA A 117 -1.12 15.14 -29.47
CA ALA A 117 0.12 15.91 -29.67
C ALA A 117 1.32 14.99 -29.30
N MET A 118 1.26 14.32 -28.16
CA MET A 118 2.32 13.41 -27.72
C MET A 118 2.49 12.28 -28.75
N GLY A 119 1.39 11.63 -29.17
CA GLY A 119 1.55 10.59 -30.22
C GLY A 119 2.25 11.15 -31.45
N SER A 120 1.84 12.32 -31.87
CA SER A 120 2.38 12.93 -33.10
C SER A 120 3.89 13.19 -32.96
N ALA A 121 4.35 13.66 -31.80
CA ALA A 121 5.79 13.82 -31.60
C ALA A 121 6.50 12.48 -31.77
N ARG A 122 6.00 11.41 -31.17
CA ARG A 122 6.62 10.10 -31.31
C ARG A 122 6.59 9.65 -32.79
N ALA A 123 5.48 9.86 -33.48
CA ALA A 123 5.39 9.45 -34.89
C ALA A 123 6.45 10.20 -35.70
N TYR A 124 6.72 11.45 -35.36
CA TYR A 124 7.77 12.18 -36.07
C TYR A 124 9.14 11.52 -35.82
N GLN A 125 9.44 11.15 -34.58
CA GLN A 125 10.72 10.52 -34.24
C GLN A 125 10.92 9.28 -35.10
N ILE A 126 9.87 8.50 -35.31
CA ILE A 126 10.01 7.19 -35.99
C ILE A 126 10.03 7.37 -37.52
N THR A 127 9.20 8.26 -38.07
CA THR A 127 8.95 8.36 -39.52
C THR A 127 9.75 9.50 -40.18
N GLY A 128 10.11 10.59 -39.48
CA GLY A 128 10.65 11.83 -40.06
C GLY A 128 9.68 12.61 -40.93
N ASN A 129 8.39 12.25 -40.87
CA ASN A 129 7.33 12.88 -41.69
C ASN A 129 6.98 14.24 -41.09
N PRO A 130 7.26 15.37 -41.76
CA PRO A 130 7.07 16.72 -41.20
C PRO A 130 5.63 16.94 -40.71
N ARG A 131 4.64 16.23 -41.25
CA ARG A 131 3.23 16.53 -40.86
C ARG A 131 3.11 16.27 -39.35
N TYR A 132 3.85 15.29 -38.84
CA TYR A 132 3.74 14.89 -37.40
C TYR A 132 4.37 15.93 -36.50
N LEU A 133 5.51 16.51 -36.88
CA LEU A 133 6.11 17.57 -36.04
C LEU A 133 5.19 18.80 -36.03
N GLU A 134 4.60 19.18 -37.16
CA GLU A 134 3.61 20.29 -37.24
C GLU A 134 2.45 19.97 -36.31
N ALA A 135 1.87 18.79 -36.44
CA ALA A 135 0.71 18.43 -35.60
C ALA A 135 1.11 18.50 -34.11
N ALA A 136 2.26 17.98 -33.76
CA ALA A 136 2.69 17.91 -32.35
C ALA A 136 2.86 19.32 -31.80
N ARG A 137 3.62 20.13 -32.53
N ARG A 137 3.63 20.12 -32.53
CA ARG A 137 4.02 21.49 -32.08
CA ARG A 137 4.04 21.49 -32.13
C ARG A 137 2.79 22.40 -32.04
C ARG A 137 2.80 22.39 -32.05
N ASP A 138 1.99 22.39 -33.09
CA ASP A 138 0.82 23.27 -33.13
C ASP A 138 -0.16 22.94 -32.00
N HIS A 139 -0.43 21.66 -31.76
CA HIS A 139 -1.41 21.24 -30.74
C HIS A 139 -0.83 21.48 -29.33
N PHE A 140 0.42 21.12 -29.11
CA PHE A 140 1.05 21.39 -27.82
C PHE A 140 0.98 22.90 -27.57
N ASP A 141 1.40 23.76 -28.53
CA ASP A 141 1.52 25.20 -28.30
C ASP A 141 0.12 25.77 -27.97
N PHE A 142 -0.93 25.31 -28.64
CA PHE A 142 -2.30 25.78 -28.35
C PHE A 142 -2.60 25.55 -26.89
N VAL A 143 -2.37 24.32 -26.39
CA VAL A 143 -2.76 23.95 -25.01
C VAL A 143 -1.85 24.73 -24.05
N TYR A 144 -0.54 24.61 -24.20
CA TYR A 144 0.37 25.21 -23.20
C TYR A 144 0.31 26.74 -23.26
N ASP A 145 0.31 27.33 -24.44
CA ASP A 145 0.39 28.81 -24.54
C ASP A 145 -0.91 29.44 -24.04
N THR A 146 -2.06 28.77 -24.23
CA THR A 146 -3.37 29.38 -23.89
C THR A 146 -4.01 28.84 -22.64
N GLN A 147 -3.63 27.64 -22.17
CA GLN A 147 -4.36 26.92 -21.06
C GLN A 147 -3.50 26.82 -19.79
N TRP A 148 -2.21 27.19 -19.87
CA TRP A 148 -1.39 27.41 -18.65
C TRP A 148 -1.90 28.64 -17.95
N ASP A 149 -2.07 28.59 -16.64
CA ASP A 149 -2.63 29.70 -15.84
C ASP A 149 -2.02 29.71 -14.45
N GLU A 150 -1.70 30.90 -13.94
CA GLU A 150 -1.11 31.05 -12.61
C GLU A 150 -2.12 31.67 -11.62
N GLU A 151 -3.34 31.98 -12.03
CA GLU A 151 -4.35 32.58 -11.13
C GLU A 151 -4.93 31.53 -10.20
N PHE A 152 -5.20 30.30 -10.70
CA PHE A 152 -5.69 29.20 -9.86
C PHE A 152 -4.54 28.23 -9.60
N ALA A 153 -4.34 27.87 -8.35
CA ALA A 153 -3.41 26.80 -7.91
C ALA A 153 -1.96 27.15 -8.29
N ASN A 154 -1.62 28.41 -8.47
CA ASN A 154 -0.23 28.90 -8.61
C ASN A 154 0.42 28.30 -9.87
N GLY A 155 -0.38 27.93 -10.87
CA GLY A 155 0.17 27.20 -12.01
C GLY A 155 -0.75 26.16 -12.56
N GLY A 156 -0.29 25.49 -13.58
CA GLY A 156 -0.98 24.34 -14.14
C GLY A 156 -1.82 24.65 -15.37
N ILE A 157 -2.03 23.61 -16.18
CA ILE A 157 -2.93 23.60 -17.35
C ILE A 157 -4.36 23.16 -16.95
N TRP A 158 -5.33 23.96 -17.39
CA TRP A 158 -6.75 23.60 -17.25
C TRP A 158 -7.10 22.28 -17.94
N TRP A 159 -8.02 21.51 -17.36
CA TRP A 159 -8.60 20.30 -17.98
C TRP A 159 -9.22 20.65 -19.33
N LEU A 160 -10.15 21.60 -19.32
CA LEU A 160 -10.94 22.01 -20.49
C LEU A 160 -10.50 23.37 -21.01
N ASN A 161 -10.80 23.59 -22.26
CA ASN A 161 -10.58 24.94 -22.83
C ASN A 161 -11.92 25.68 -22.92
N SER A 162 -13.04 25.05 -22.55
N SER A 162 -13.01 25.09 -22.38
CA SER A 162 -14.29 25.80 -22.34
CA SER A 162 -14.39 25.65 -22.45
C SER A 162 -14.27 26.36 -20.91
C SER A 162 -14.86 26.29 -21.12
N ASP A 163 -14.77 25.56 -19.99
CA ASP A 163 -14.95 26.02 -18.60
C ASP A 163 -13.66 25.70 -17.85
N HIS A 164 -13.26 26.56 -16.90
CA HIS A 164 -12.01 26.48 -16.15
C HIS A 164 -12.33 26.29 -14.66
N ASN A 165 -12.54 25.06 -14.21
CA ASN A 165 -12.92 24.71 -12.83
C ASN A 165 -11.92 23.73 -12.21
N THR A 166 -11.02 23.11 -13.00
CA THR A 166 -10.17 22.00 -12.49
C THR A 166 -8.91 21.94 -13.37
N LYS A 167 -7.83 21.54 -12.74
CA LYS A 167 -6.54 21.27 -13.40
C LYS A 167 -6.14 19.84 -13.07
N ASN A 168 -5.82 19.04 -14.10
CA ASN A 168 -5.88 17.56 -13.95
C ASN A 168 -4.53 16.92 -14.27
N ALA A 169 -4.23 15.82 -13.54
CA ALA A 169 -3.02 15.03 -13.85
C ALA A 169 -3.04 14.55 -15.29
N CYS A 170 -4.19 14.22 -15.80
CA CYS A 170 -4.28 13.58 -17.14
C CYS A 170 -4.09 14.58 -18.29
N ILE A 171 -4.04 15.85 -18.03
CA ILE A 171 -3.54 16.84 -19.00
C ILE A 171 -2.10 17.27 -18.61
N ASN A 172 -1.83 17.59 -17.37
CA ASN A 172 -0.53 18.22 -17.05
C ASN A 172 0.64 17.25 -17.28
N PHE A 173 0.60 16.01 -16.79
CA PHE A 173 1.82 15.16 -16.99
C PHE A 173 1.95 14.77 -18.44
N PRO A 174 0.87 14.38 -19.18
CA PRO A 174 1.04 14.18 -20.64
C PRO A 174 1.64 15.42 -21.32
N ALA A 175 1.30 16.59 -20.87
CA ALA A 175 1.85 17.83 -21.49
C ALA A 175 3.34 17.93 -21.24
N ALA A 176 3.78 17.57 -20.03
CA ALA A 176 5.22 17.56 -19.76
C ALA A 176 5.90 16.56 -20.68
N GLN A 177 5.32 15.38 -20.85
CA GLN A 177 5.90 14.35 -21.73
C GLN A 177 5.95 14.83 -23.16
N ALA A 178 4.88 15.45 -23.63
CA ALA A 178 4.88 15.96 -25.02
C ALA A 178 5.98 17.00 -25.21
N ALA A 179 6.11 17.88 -24.20
CA ALA A 179 7.18 18.89 -24.24
C ALA A 179 8.54 18.23 -24.31
N LEU A 180 8.76 17.16 -23.54
CA LEU A 180 10.06 16.46 -23.58
C LEU A 180 10.33 15.87 -24.95
N TYR A 181 9.35 15.27 -25.61
CA TYR A 181 9.58 14.76 -26.96
C TYR A 181 9.91 15.93 -27.86
N LEU A 182 9.16 17.00 -27.76
CA LEU A 182 9.42 18.18 -28.62
C LEU A 182 10.79 18.77 -28.36
N TYR A 183 11.26 18.81 -27.12
CA TYR A 183 12.65 19.25 -26.90
C TYR A 183 13.63 18.27 -27.56
N ASP A 184 13.44 16.96 -27.38
CA ASP A 184 14.33 15.97 -28.00
C ASP A 184 14.40 16.23 -29.51
N ILE A 185 13.27 16.49 -30.14
CA ILE A 185 13.19 16.65 -31.61
C ILE A 185 13.84 17.95 -32.02
N THR A 186 13.43 19.07 -31.41
CA THR A 186 13.73 20.44 -31.89
C THR A 186 15.07 20.93 -31.33
N LYS A 187 15.50 20.45 -30.17
CA LYS A 187 16.59 21.07 -29.37
C LYS A 187 16.24 22.51 -28.95
N ASP A 188 14.98 22.90 -29.05
CA ASP A 188 14.50 24.23 -28.61
C ASP A 188 14.34 24.17 -27.10
N GLU A 189 15.13 24.91 -26.37
CA GLU A 189 15.10 24.94 -24.90
C GLU A 189 13.72 25.39 -24.42
N HIS A 190 12.97 26.17 -25.19
CA HIS A 190 11.59 26.50 -24.77
C HIS A 190 10.82 25.24 -24.31
N TYR A 191 10.98 24.13 -25.01
CA TYR A 191 10.20 22.90 -24.68
C TYR A 191 10.76 22.25 -23.40
N LEU A 192 12.05 22.36 -23.14
CA LEU A 192 12.57 21.87 -21.83
C LEU A 192 12.03 22.76 -20.72
N ASN A 193 12.02 24.08 -20.94
CA ASN A 193 11.48 25.00 -19.96
C ASN A 193 10.03 24.64 -19.67
N ALA A 194 9.23 24.43 -20.71
CA ALA A 194 7.81 24.06 -20.49
C ALA A 194 7.66 22.75 -19.71
N ALA A 195 8.38 21.72 -20.12
CA ALA A 195 8.32 20.40 -19.47
C ALA A 195 8.64 20.60 -17.99
N THR A 196 9.71 21.36 -17.73
CA THR A 196 10.13 21.54 -16.34
C THR A 196 9.09 22.32 -15.56
N LYS A 197 8.56 23.40 -16.13
CA LYS A 197 7.60 24.23 -15.38
C LYS A 197 6.34 23.42 -15.10
N ILE A 198 5.86 22.65 -16.07
CA ILE A 198 4.62 21.80 -15.87
C ILE A 198 4.88 20.74 -14.82
N PHE A 199 5.97 20.03 -14.94
CA PHE A 199 6.27 18.94 -14.00
C PHE A 199 6.45 19.49 -12.58
N ARG A 200 7.22 20.57 -12.47
CA ARG A 200 7.47 21.16 -11.14
C ARG A 200 6.14 21.49 -10.46
N TRP A 201 5.27 22.16 -11.19
CA TRP A 201 3.96 22.49 -10.65
C TRP A 201 3.20 21.22 -10.34
N GLY A 202 3.18 20.28 -11.23
CA GLY A 202 2.39 19.06 -10.95
C GLY A 202 2.89 18.28 -9.74
N LYS A 203 4.21 18.19 -9.58
CA LYS A 203 4.75 17.47 -8.41
C LYS A 203 4.27 18.23 -7.17
N THR A 204 4.33 19.57 -7.20
CA THR A 204 3.96 20.37 -6.03
C THR A 204 2.46 20.22 -5.70
N MET A 205 1.61 20.44 -6.69
N MET A 205 1.60 20.49 -6.68
CA MET A 205 0.15 20.67 -6.49
CA MET A 205 0.15 20.65 -6.45
C MET A 205 -0.70 19.44 -6.85
C MET A 205 -0.62 19.34 -6.67
N LEU A 206 -0.12 18.45 -7.52
CA LEU A 206 -0.87 17.21 -7.88
C LEU A 206 -0.16 15.96 -7.35
N THR A 207 0.71 16.07 -6.36
CA THR A 207 1.23 14.86 -5.66
C THR A 207 1.40 15.17 -4.19
N ASP A 208 1.61 14.12 -3.42
CA ASP A 208 1.90 14.28 -1.99
C ASP A 208 3.39 14.52 -1.72
N GLY A 209 4.18 14.64 -2.76
CA GLY A 209 5.65 14.80 -2.71
C GLY A 209 6.36 13.48 -2.47
N ASN A 210 5.61 12.41 -2.31
CA ASN A 210 6.17 11.08 -1.97
C ASN A 210 5.75 9.99 -2.98
N GLY A 211 5.36 10.39 -4.16
CA GLY A 211 5.08 9.47 -5.26
C GLY A 211 3.60 9.26 -5.55
N LYS A 212 2.70 9.71 -4.69
CA LYS A 212 1.26 9.54 -4.94
C LYS A 212 0.76 10.69 -5.82
N VAL A 213 0.26 10.37 -6.99
CA VAL A 213 -0.23 11.39 -7.94
C VAL A 213 -1.73 11.56 -7.78
N PHE A 214 -2.12 12.78 -7.48
CA PHE A 214 -3.54 13.13 -7.29
C PHE A 214 -4.24 13.31 -8.64
N ASP A 215 -5.52 12.98 -8.70
CA ASP A 215 -6.24 13.05 -9.99
C ASP A 215 -6.25 14.53 -10.53
N ARG A 216 -6.56 15.48 -9.66
CA ARG A 216 -6.91 16.84 -10.13
C ARG A 216 -6.95 17.74 -8.90
N ILE A 217 -6.99 19.04 -9.18
CA ILE A 217 -7.22 20.07 -8.18
C ILE A 217 -8.33 20.97 -8.72
N GLU A 218 -9.40 21.08 -7.96
CA GLU A 218 -10.64 21.77 -8.37
C GLU A 218 -10.75 23.07 -7.60
N ILE A 219 -11.35 24.08 -8.21
CA ILE A 219 -11.49 25.37 -7.48
C ILE A 219 -12.28 25.18 -6.19
N GLU A 220 -13.40 24.47 -6.25
CA GLU A 220 -14.38 24.45 -5.13
C GLU A 220 -13.79 23.63 -3.97
N HIS A 221 -13.24 22.46 -4.21
CA HIS A 221 -12.89 21.59 -3.04
C HIS A 221 -11.43 21.14 -3.04
N GLY A 222 -10.61 21.73 -3.88
CA GLY A 222 -9.16 21.56 -3.86
C GLY A 222 -8.77 20.19 -4.42
N ALA A 223 -7.72 19.64 -3.87
CA ALA A 223 -7.04 18.47 -4.42
C ALA A 223 -7.94 17.24 -4.20
N VAL A 224 -7.97 16.39 -5.20
CA VAL A 224 -8.73 15.12 -5.18
C VAL A 224 -7.69 14.01 -5.21
N PRO A 225 -7.33 13.44 -4.03
CA PRO A 225 -6.19 12.53 -3.94
C PRO A 225 -6.56 11.10 -4.31
N ASP A 226 -7.17 10.92 -5.48
CA ASP A 226 -7.57 9.59 -6.02
C ASP A 226 -6.46 9.21 -6.99
N ALA A 227 -5.68 8.19 -6.70
CA ALA A 227 -4.56 7.79 -7.59
C ALA A 227 -5.05 6.74 -8.59
N THR A 228 -4.48 6.72 -9.78
CA THR A 228 -4.79 5.73 -10.81
C THR A 228 -3.55 5.35 -11.60
N HIS A 229 -3.67 4.26 -12.31
CA HIS A 229 -2.54 3.73 -13.11
C HIS A 229 -2.05 4.79 -14.11
N TYR A 230 -2.97 5.40 -14.87
CA TYR A 230 -2.45 6.23 -15.98
C TYR A 230 -1.79 7.53 -15.48
N ASN A 231 -2.22 8.07 -14.38
CA ASN A 231 -1.61 9.26 -13.79
C ASN A 231 -0.30 8.92 -13.09
N GLN A 232 -0.17 7.79 -12.42
CA GLN A 232 1.16 7.33 -11.98
C GLN A 232 2.05 7.19 -13.20
N GLY A 233 1.50 6.65 -14.27
CA GLY A 233 2.33 6.37 -15.46
C GLY A 233 2.92 7.64 -16.09
N THR A 234 2.09 8.64 -16.39
CA THR A 234 2.58 9.87 -17.06
C THR A 234 3.48 10.67 -16.17
N TYR A 235 3.23 10.65 -14.85
CA TYR A 235 4.19 11.27 -13.92
C TYR A 235 5.55 10.55 -13.97
N ILE A 236 5.55 9.22 -13.93
CA ILE A 236 6.80 8.44 -14.00
C ILE A 236 7.50 8.76 -15.31
N GLY A 237 6.76 8.75 -16.42
CA GLY A 237 7.39 8.97 -17.72
C GLY A 237 7.99 10.36 -17.84
N SER A 238 7.31 11.37 -17.33
N SER A 238 7.26 11.36 -17.37
CA SER A 238 7.84 12.74 -17.44
CA SER A 238 7.72 12.75 -17.28
C SER A 238 9.02 12.88 -16.48
C SER A 238 9.05 12.77 -16.52
N ALA A 239 9.01 12.22 -15.29
CA ALA A 239 10.18 12.32 -14.42
C ALA A 239 11.38 11.66 -15.08
N VAL A 240 11.20 10.47 -15.67
CA VAL A 240 12.33 9.76 -16.33
C VAL A 240 12.83 10.66 -17.46
N GLY A 241 11.91 11.24 -18.24
CA GLY A 241 12.35 12.12 -19.33
C GLY A 241 13.10 13.35 -18.88
N LEU A 242 12.69 13.93 -17.75
CA LEU A 242 13.41 15.09 -17.20
C LEU A 242 14.77 14.65 -16.69
N TYR A 243 14.89 13.49 -16.10
CA TYR A 243 16.18 12.92 -15.68
C TYR A 243 17.11 12.83 -16.87
N LYS A 244 16.63 12.27 -17.96
CA LYS A 244 17.47 12.10 -19.15
C LYS A 244 17.81 13.49 -19.76
N ALA A 245 16.89 14.45 -19.77
CA ALA A 245 17.17 15.74 -20.44
C ALA A 245 18.13 16.60 -19.60
N THR A 246 18.07 16.49 -18.28
CA THR A 246 18.76 17.43 -17.35
C THR A 246 19.92 16.79 -16.60
N GLY A 247 19.88 15.48 -16.39
CA GLY A 247 20.82 14.74 -15.54
C GLY A 247 20.62 14.99 -14.06
N ASN A 248 19.52 15.65 -13.66
CA ASN A 248 19.26 15.94 -12.23
C ASN A 248 18.67 14.68 -11.64
N ALA A 249 19.40 14.08 -10.70
CA ALA A 249 19.03 12.83 -10.01
C ALA A 249 17.69 12.94 -9.29
N VAL A 250 17.23 14.12 -8.91
CA VAL A 250 15.95 14.24 -8.18
C VAL A 250 14.83 13.67 -9.07
N TYR A 251 14.94 13.81 -10.37
CA TYR A 251 13.83 13.37 -11.26
C TYR A 251 13.80 11.81 -11.27
N LEU A 252 14.95 11.16 -11.23
CA LEU A 252 14.96 9.70 -11.15
C LEU A 252 14.37 9.27 -9.81
N ASP A 253 14.70 9.96 -8.72
CA ASP A 253 14.11 9.67 -7.41
C ASP A 253 12.60 9.83 -7.45
N ASP A 254 12.14 10.89 -8.10
CA ASP A 254 10.69 11.15 -8.19
C ASP A 254 10.02 9.94 -8.86
N ALA A 255 10.59 9.44 -9.93
CA ALA A 255 10.04 8.31 -10.68
C ALA A 255 10.01 7.05 -9.79
N VAL A 256 11.11 6.79 -9.11
CA VAL A 256 11.22 5.60 -8.22
C VAL A 256 10.16 5.74 -7.15
N LYS A 257 10.01 6.91 -6.51
CA LYS A 257 9.01 7.00 -5.42
C LYS A 257 7.61 6.74 -5.97
N ALA A 258 7.28 7.21 -7.17
CA ALA A 258 5.97 7.00 -7.79
C ALA A 258 5.76 5.54 -8.21
N ALA A 259 6.83 4.86 -8.61
CA ALA A 259 6.75 3.41 -8.92
C ALA A 259 6.50 2.59 -7.62
N LYS A 260 7.17 2.95 -6.54
CA LYS A 260 6.95 2.34 -5.21
C LYS A 260 5.52 2.53 -4.79
N PHE A 261 5.01 3.74 -4.91
CA PHE A 261 3.60 3.94 -4.50
C PHE A 261 2.73 2.99 -5.31
N THR A 262 2.95 2.94 -6.63
CA THR A 262 2.10 2.16 -7.54
C THR A 262 2.08 0.70 -7.10
N LYS A 263 3.26 0.12 -6.89
CA LYS A 263 3.37 -1.33 -6.64
C LYS A 263 2.85 -1.71 -5.26
N ASN A 264 2.67 -0.78 -4.32
CA ASN A 264 2.17 -1.13 -2.97
C ASN A 264 0.74 -0.66 -2.81
N HIS A 265 0.17 0.11 -3.76
CA HIS A 265 -1.20 0.63 -3.61
C HIS A 265 -2.16 0.23 -4.72
N LEU A 266 -1.72 0.24 -5.95
CA LEU A 266 -2.60 0.06 -7.14
C LEU A 266 -2.58 -1.38 -7.65
N VAL A 267 -2.57 -2.28 -6.67
CA VAL A 267 -2.37 -3.74 -6.84
C VAL A 267 -3.45 -4.43 -6.01
N ASP A 268 -3.77 -5.67 -6.34
CA ASP A 268 -4.53 -6.59 -5.46
C ASP A 268 -3.60 -7.08 -4.36
N SER A 269 -4.17 -7.94 -3.53
CA SER A 269 -3.48 -8.47 -2.32
C SER A 269 -2.36 -9.44 -2.73
N ASN A 270 -2.35 -9.91 -3.98
CA ASN A 270 -1.25 -10.74 -4.49
C ASN A 270 -0.15 -9.90 -5.20
N GLY A 271 -0.32 -8.59 -5.39
CA GLY A 271 0.70 -7.74 -6.04
C GLY A 271 0.44 -7.54 -7.53
N VAL A 272 -0.63 -8.11 -8.05
CA VAL A 272 -1.01 -7.93 -9.46
C VAL A 272 -1.68 -6.57 -9.62
N LEU A 273 -1.20 -5.77 -10.56
CA LEU A 273 -1.87 -4.46 -10.83
C LEU A 273 -3.39 -4.67 -10.95
N ASN A 274 -4.11 -3.71 -10.36
N ASN A 274 -4.16 -3.80 -10.35
CA ASN A 274 -5.59 -3.62 -10.17
CA ASN A 274 -5.60 -4.14 -10.20
C ASN A 274 -6.34 -3.64 -11.50
C ASN A 274 -6.36 -3.66 -11.44
N TYR A 275 -7.66 -3.88 -11.44
CA TYR A 275 -8.54 -3.58 -12.58
C TYR A 275 -9.30 -2.30 -12.23
N GLU A 276 -9.26 -1.28 -13.04
CA GLU A 276 -9.90 0.00 -12.72
C GLU A 276 -11.20 0.14 -13.50
N GLY A 277 -11.64 -0.92 -14.20
CA GLY A 277 -12.99 -0.91 -14.75
C GLY A 277 -14.02 -0.87 -13.63
N PRO A 278 -15.31 -0.65 -13.90
CA PRO A 278 -15.83 -0.55 -15.26
C PRO A 278 -15.74 0.82 -15.93
N ASN A 279 -15.21 1.82 -15.23
CA ASN A 279 -14.98 3.15 -15.89
C ASN A 279 -14.26 2.93 -17.22
N GLY A 280 -14.79 3.48 -18.32
CA GLY A 280 -14.30 3.18 -19.66
C GLY A 280 -12.95 3.84 -19.89
N ASP A 281 -12.72 4.98 -19.27
CA ASP A 281 -11.43 5.69 -19.46
C ASP A 281 -10.36 4.94 -18.68
N LEU A 282 -10.66 4.50 -17.46
CA LEU A 282 -9.63 3.90 -16.61
C LEU A 282 -9.37 2.45 -16.97
N LYS A 283 -10.32 1.71 -17.54
CA LYS A 283 -10.20 0.25 -17.56
C LYS A 283 -8.97 -0.21 -18.35
N GLY A 284 -8.52 0.60 -19.32
CA GLY A 284 -7.31 0.32 -20.12
C GLY A 284 -6.08 1.04 -19.60
N GLY A 285 -6.15 1.73 -18.46
CA GLY A 285 -5.02 2.59 -18.03
C GLY A 285 -3.75 1.84 -17.71
N LYS A 286 -3.76 0.55 -17.40
CA LYS A 286 -2.51 -0.22 -17.26
C LYS A 286 -1.68 -0.06 -18.53
N THR A 287 -2.30 0.21 -19.67
CA THR A 287 -1.53 0.36 -20.93
C THR A 287 -0.53 1.51 -20.72
N ILE A 288 -1.01 2.67 -20.32
CA ILE A 288 -0.18 3.87 -20.15
C ILE A 288 0.79 3.64 -18.99
N LEU A 289 0.36 2.96 -17.94
CA LEU A 289 1.27 2.67 -16.82
C LEU A 289 2.43 1.79 -17.28
N MET A 290 2.14 0.68 -17.92
CA MET A 290 3.21 -0.27 -18.31
C MET A 290 4.17 0.45 -19.26
N ARG A 291 3.64 1.25 -20.22
CA ARG A 291 4.51 1.95 -21.19
C ARG A 291 5.60 2.75 -20.44
N ASN A 292 5.22 3.44 -19.37
CA ASN A 292 6.08 4.35 -18.61
C ASN A 292 6.91 3.59 -17.57
N LEU A 293 6.38 2.54 -16.97
CA LEU A 293 7.19 1.68 -16.07
C LEU A 293 8.36 1.11 -16.87
N ALA A 294 8.16 0.73 -18.12
CA ALA A 294 9.24 0.18 -18.94
C ALA A 294 10.38 1.19 -19.04
N HIS A 295 10.09 2.47 -19.15
CA HIS A 295 11.16 3.51 -19.26
C HIS A 295 12.00 3.53 -17.98
N LEU A 296 11.35 3.52 -16.84
CA LEU A 296 12.07 3.47 -15.57
C LEU A 296 12.90 2.20 -15.44
N GLN A 297 12.28 1.07 -15.78
CA GLN A 297 12.95 -0.24 -15.70
C GLN A 297 14.25 -0.22 -16.48
N LYS A 298 14.17 0.22 -17.72
CA LYS A 298 15.36 0.28 -18.60
C LYS A 298 16.43 1.22 -18.02
N THR A 299 16.04 2.35 -17.51
CA THR A 299 17.01 3.37 -17.02
C THR A 299 17.73 2.74 -15.82
N LEU A 300 16.99 2.19 -14.89
CA LEU A 300 17.63 1.58 -13.69
C LEU A 300 18.45 0.32 -14.03
N ASP A 301 17.99 -0.53 -14.92
CA ASP A 301 18.76 -1.72 -15.31
C ASP A 301 20.07 -1.27 -15.95
N GLU A 302 20.04 -0.25 -16.80
CA GLU A 302 21.22 0.16 -17.60
C GLU A 302 22.21 0.93 -16.75
N THR A 303 21.76 1.75 -15.81
CA THR A 303 22.62 2.70 -15.10
C THR A 303 23.15 2.09 -13.79
N GLY A 304 22.53 1.03 -13.23
CA GLY A 304 22.85 0.48 -11.91
C GLY A 304 22.48 1.44 -10.79
N GLN A 305 21.57 2.40 -11.04
CA GLN A 305 21.05 3.26 -9.96
C GLN A 305 19.96 2.44 -9.23
N TYR A 306 19.70 2.75 -7.96
CA TYR A 306 18.68 2.13 -7.10
C TYR A 306 18.75 0.63 -7.31
N PRO A 307 19.92 -0.02 -7.09
CA PRO A 307 20.01 -1.42 -7.46
C PRO A 307 19.03 -2.31 -6.67
N GLU A 308 18.82 -2.05 -5.36
CA GLU A 308 17.91 -2.88 -4.54
C GLU A 308 16.49 -2.78 -5.10
N PHE A 309 16.04 -1.55 -5.34
CA PHE A 309 14.71 -1.34 -5.92
C PHE A 309 14.60 -1.95 -7.31
N SER A 310 15.62 -1.77 -8.14
CA SER A 310 15.64 -2.23 -9.54
C SER A 310 15.35 -3.74 -9.53
N ALA A 311 16.05 -4.48 -8.67
CA ALA A 311 15.87 -5.94 -8.64
C ALA A 311 14.43 -6.30 -8.26
N GLU A 312 13.89 -5.63 -7.25
CA GLU A 312 12.51 -5.90 -6.76
C GLU A 312 11.54 -5.47 -7.86
N PHE A 313 11.78 -4.34 -8.47
CA PHE A 313 10.91 -3.79 -9.55
C PHE A 313 10.86 -4.74 -10.73
N ASP A 314 12.02 -5.23 -11.15
CA ASP A 314 12.06 -6.14 -12.30
C ASP A 314 11.29 -7.45 -12.00
N GLU A 315 11.50 -8.00 -10.81
CA GLU A 315 10.75 -9.20 -10.37
C GLU A 315 9.24 -8.94 -10.41
N TRP A 316 8.79 -7.82 -9.87
CA TRP A 316 7.35 -7.49 -9.83
C TRP A 316 6.80 -7.33 -11.25
N LEU A 317 7.52 -6.59 -12.11
CA LEU A 317 7.07 -6.44 -13.52
C LEU A 317 6.95 -7.80 -14.20
N ALA A 318 7.93 -8.67 -13.98
CA ALA A 318 7.94 -10.00 -14.63
C ALA A 318 6.74 -10.80 -14.15
N PHE A 319 6.49 -10.72 -12.85
CA PHE A 319 5.36 -11.42 -12.19
C PHE A 319 4.05 -10.94 -12.79
N ASN A 320 3.90 -9.64 -12.94
CA ASN A 320 2.64 -9.08 -13.50
C ASN A 320 2.47 -9.56 -14.95
N ILE A 321 3.54 -9.51 -15.74
CA ILE A 321 3.44 -9.91 -17.18
C ILE A 321 3.03 -11.40 -17.25
N GLU A 322 3.66 -12.20 -16.42
CA GLU A 322 3.41 -13.66 -16.35
C GLU A 322 1.94 -13.89 -15.97
N MET A 323 1.43 -13.17 -14.95
CA MET A 323 0.02 -13.39 -14.51
C MET A 323 -0.97 -12.94 -15.60
N ALA A 324 -0.74 -11.80 -16.23
CA ALA A 324 -1.60 -11.33 -17.32
C ALA A 324 -1.66 -12.42 -18.40
N TRP A 325 -0.51 -12.92 -18.83
CA TRP A 325 -0.49 -13.75 -20.05
C TRP A 325 -0.97 -15.14 -19.73
N SER A 326 -0.92 -15.48 -18.48
CA SER A 326 -1.53 -16.75 -18.00
C SER A 326 -3.03 -16.73 -18.30
N HIS A 327 -3.66 -15.56 -18.46
CA HIS A 327 -5.13 -15.45 -18.66
C HIS A 327 -5.47 -15.10 -20.10
N GLN A 328 -4.57 -15.38 -21.03
CA GLN A 328 -4.88 -15.22 -22.47
C GLN A 328 -5.94 -16.25 -22.89
N ASN A 329 -6.75 -15.89 -23.88
CA ASN A 329 -7.74 -16.79 -24.48
C ASN A 329 -7.03 -17.52 -25.62
N SER A 330 -7.75 -18.33 -26.37
CA SER A 330 -7.15 -19.19 -27.43
C SER A 330 -6.65 -18.35 -28.60
N ASP A 331 -7.10 -17.11 -28.69
CA ASP A 331 -6.71 -16.14 -29.74
C ASP A 331 -5.57 -15.24 -29.25
N HIS A 332 -5.04 -15.50 -28.05
CA HIS A 332 -3.90 -14.78 -27.44
C HIS A 332 -4.34 -13.34 -27.14
N ILE A 333 -5.58 -13.17 -26.72
CA ILE A 333 -6.12 -11.88 -26.24
C ILE A 333 -6.27 -11.96 -24.73
N VAL A 334 -5.84 -10.91 -24.04
CA VAL A 334 -5.88 -10.84 -22.56
C VAL A 334 -6.80 -9.67 -22.15
N ASP A 335 -7.92 -9.97 -21.52
CA ASP A 335 -8.80 -8.96 -20.91
C ASP A 335 -8.04 -8.20 -19.82
N GLY A 336 -8.41 -6.95 -19.58
CA GLY A 336 -7.68 -6.08 -18.66
C GLY A 336 -7.85 -6.49 -17.21
N ASN A 337 -8.83 -7.34 -16.87
CA ASN A 337 -8.90 -7.84 -15.48
C ASN A 337 -7.90 -8.99 -15.34
N TRP A 338 -6.65 -8.66 -15.04
CA TRP A 338 -5.55 -9.65 -15.07
C TRP A 338 -5.67 -10.67 -13.93
N ALA A 339 -6.63 -10.54 -13.02
CA ALA A 339 -6.87 -11.52 -11.93
C ALA A 339 -7.68 -12.71 -12.47
N GLY A 340 -8.15 -12.72 -13.73
CA GLY A 340 -9.01 -13.81 -14.26
C GLY A 340 -9.28 -13.72 -15.77
N LEU A 342 -11.49 -13.71 -19.04
CA LEU A 342 -12.85 -13.28 -19.41
C LEU A 342 -13.46 -14.32 -20.37
N LEU A 343 -14.64 -14.79 -20.06
CA LEU A 343 -15.19 -16.00 -20.72
C LEU A 343 -16.51 -15.64 -21.39
N SER A 344 -16.76 -14.33 -21.50
CA SER A 344 -18.02 -13.76 -22.05
C SER A 344 -17.94 -13.76 -23.58
N GLY A 345 -16.77 -14.04 -24.14
CA GLY A 345 -16.54 -14.02 -25.60
C GLY A 345 -16.26 -12.63 -26.17
N THR A 346 -16.70 -11.54 -25.54
CA THR A 346 -16.51 -10.14 -26.09
C THR A 346 -15.42 -9.34 -25.38
N TYR A 347 -14.34 -9.06 -26.09
CA TYR A 347 -13.15 -8.33 -25.60
C TYR A 347 -13.12 -6.91 -26.12
N GLU A 348 -12.64 -5.97 -25.30
CA GLU A 348 -12.53 -4.53 -25.69
C GLU A 348 -11.07 -4.21 -25.97
N SER A 349 -10.83 -3.37 -26.96
CA SER A 349 -9.45 -3.06 -27.44
C SER A 349 -8.71 -2.27 -26.36
N TRP A 350 -9.36 -1.38 -25.60
CA TRP A 350 -8.63 -0.58 -24.57
C TRP A 350 -8.22 -1.51 -23.44
N SER A 351 -9.18 -2.24 -22.90
CA SER A 351 -8.94 -3.17 -21.78
C SER A 351 -7.86 -4.20 -22.17
N SER A 352 -7.93 -4.70 -23.39
CA SER A 352 -7.04 -5.78 -23.86
C SER A 352 -5.66 -5.27 -24.21
N ALA A 353 -5.51 -3.97 -24.38
CA ALA A 353 -4.22 -3.39 -24.84
C ALA A 353 -3.11 -3.55 -23.80
N ALA A 354 -3.46 -3.52 -22.52
CA ALA A 354 -2.40 -3.41 -21.49
C ALA A 354 -1.46 -4.62 -21.52
N ALA A 355 -2.01 -5.81 -21.80
CA ALA A 355 -1.14 -7.01 -21.79
C ALA A 355 -0.20 -6.96 -23.01
N VAL A 356 -0.69 -6.44 -24.14
CA VAL A 356 0.16 -6.32 -25.35
C VAL A 356 1.27 -5.34 -24.99
N GLN A 357 0.91 -4.18 -24.47
CA GLN A 357 1.90 -3.18 -24.05
C GLN A 357 2.94 -3.82 -23.11
N ALA A 358 2.51 -4.58 -22.10
CA ALA A 358 3.41 -5.22 -21.13
C ALA A 358 4.48 -6.09 -21.81
N LEU A 359 4.18 -6.66 -22.97
CA LEU A 359 5.15 -7.52 -23.68
C LEU A 359 5.93 -6.75 -24.73
N ASN A 360 5.69 -5.45 -24.85
CA ASN A 360 6.33 -4.58 -25.87
C ASN A 360 7.00 -3.37 -25.23
N GLY A 361 7.55 -3.53 -24.04
CA GLY A 361 8.06 -2.37 -23.29
C GLY A 361 9.37 -1.87 -23.86
N ILE A 362 9.57 -0.56 -23.91
CA ILE A 362 10.81 0.07 -24.46
C ILE A 362 11.26 1.14 -23.49
N ALA B 25 -14.36 10.50 35.67
CA ALA B 25 -13.51 9.26 35.56
C ALA B 25 -14.24 8.24 34.67
N SER B 26 -13.52 7.57 33.80
CA SER B 26 -14.09 6.43 33.07
C SER B 26 -13.71 5.17 33.86
N ASP B 27 -14.38 4.06 33.59
CA ASP B 27 -13.96 2.77 34.19
C ASP B 27 -12.55 2.46 33.67
N GLY B 28 -12.20 2.91 32.46
CA GLY B 28 -10.82 2.68 31.95
C GLY B 28 -9.80 3.47 32.78
N ASP B 29 -10.18 4.66 33.21
CA ASP B 29 -9.29 5.45 34.12
C ASP B 29 -9.10 4.69 35.43
N THR B 30 -10.19 4.23 36.05
CA THR B 30 -10.18 3.58 37.39
C THR B 30 -9.37 2.30 37.27
N ALA B 31 -9.56 1.53 36.19
CA ALA B 31 -8.83 0.27 35.97
C ALA B 31 -7.34 0.55 35.83
N MET B 32 -6.97 1.55 35.05
CA MET B 32 -5.53 1.80 34.82
C MET B 32 -4.89 2.31 36.11
N LYS B 33 -5.59 3.16 36.87
CA LYS B 33 -5.04 3.72 38.13
C LYS B 33 -4.84 2.53 39.07
N ALA B 34 -5.86 1.68 39.22
CA ALA B 34 -5.74 0.52 40.11
C ALA B 34 -4.55 -0.33 39.66
N PHE B 35 -4.44 -0.60 38.36
CA PHE B 35 -3.37 -1.53 37.87
C PHE B 35 -2.00 -0.95 38.21
N ASN B 36 -1.82 0.36 38.01
CA ASN B 36 -0.59 1.07 38.46
C ASN B 36 -0.41 0.96 39.99
N ASP B 37 -1.44 1.31 40.75
CA ASP B 37 -1.31 1.30 42.23
C ASP B 37 -0.84 -0.11 42.66
N THR B 38 -1.36 -1.17 42.02
CA THR B 38 -1.07 -2.56 42.46
C THR B 38 0.29 -3.01 41.89
N PHE B 39 0.60 -2.70 40.62
CA PHE B 39 1.75 -3.39 39.96
C PHE B 39 2.88 -2.47 39.54
N TRP B 40 2.71 -1.16 39.47
CA TRP B 40 3.81 -0.26 39.03
C TRP B 40 4.79 -0.01 40.15
N ASP B 41 6.05 -0.22 39.84
CA ASP B 41 7.15 0.04 40.79
C ASP B 41 7.80 1.35 40.39
N PRO B 42 7.49 2.47 41.08
CA PRO B 42 8.07 3.76 40.71
C PRO B 42 9.56 3.89 41.03
N ASN B 43 10.09 2.96 41.82
CA ASN B 43 11.53 2.96 42.17
C ASN B 43 12.32 2.41 40.99
N ALA B 44 11.90 1.29 40.41
CA ALA B 44 12.60 0.66 39.27
C ALA B 44 12.07 1.14 37.92
N LYS B 45 10.95 1.86 37.90
CA LYS B 45 10.27 2.18 36.61
C LYS B 45 10.05 0.91 35.78
N MET B 46 9.47 -0.09 36.42
CA MET B 46 9.07 -1.34 35.77
C MET B 46 7.81 -1.85 36.47
N PHE B 47 7.03 -2.65 35.78
CA PHE B 47 5.90 -3.31 36.48
C PHE B 47 6.42 -4.52 37.27
N TRP B 48 5.85 -4.75 38.45
CA TRP B 48 6.01 -6.05 39.16
C TRP B 48 5.34 -7.21 38.40
N LYS B 49 5.94 -8.37 38.44
CA LYS B 49 5.34 -9.57 37.82
C LYS B 49 4.05 -9.97 38.52
N ASP B 50 3.98 -9.80 39.85
CA ASP B 50 2.77 -10.21 40.61
C ASP B 50 2.67 -9.35 41.86
N SER B 51 1.59 -9.57 42.62
CA SER B 51 1.22 -8.74 43.77
C SER B 51 2.15 -9.01 44.96
N LYS B 52 3.04 -10.00 44.88
CA LYS B 52 4.07 -10.23 45.94
C LYS B 52 5.22 -9.22 45.74
N ARG B 53 5.32 -8.59 44.58
CA ARG B 53 6.33 -7.51 44.32
C ARG B 53 7.73 -7.99 44.67
N GLU B 54 8.10 -9.16 44.16
CA GLU B 54 9.44 -9.74 44.39
C GLU B 54 10.26 -9.79 43.11
N LYS B 55 9.64 -9.93 41.94
CA LYS B 55 10.31 -9.99 40.62
C LYS B 55 9.59 -9.02 39.69
N HIS B 56 10.32 -8.33 38.86
CA HIS B 56 9.71 -7.46 37.83
C HIS B 56 9.27 -8.31 36.64
N GLN B 57 8.36 -7.76 35.87
CA GLN B 57 7.81 -8.42 34.69
C GLN B 57 8.91 -8.80 33.69
N ASP B 58 8.65 -9.85 32.95
CA ASP B 58 9.51 -10.38 31.88
C ASP B 58 9.60 -9.35 30.75
N PHE B 59 10.76 -9.30 30.07
CA PHE B 59 11.06 -8.33 29.02
C PHE B 59 9.91 -8.23 28.02
N TRP B 60 9.45 -9.31 27.41
CA TRP B 60 8.52 -9.11 26.26
C TRP B 60 7.19 -8.58 26.78
N VAL B 61 6.78 -9.09 27.90
CA VAL B 61 5.49 -8.68 28.54
C VAL B 61 5.56 -7.20 28.88
N GLU B 62 6.72 -6.72 29.33
CA GLU B 62 6.83 -5.31 29.72
C GLU B 62 6.56 -4.42 28.49
N ALA B 63 6.90 -4.85 27.28
CA ALA B 63 6.53 -4.12 26.03
C ALA B 63 4.99 -4.06 25.92
N GLU B 64 4.30 -5.14 26.28
CA GLU B 64 2.84 -5.19 26.16
C GLU B 64 2.20 -4.35 27.24
N LEU B 65 2.78 -4.28 28.43
CA LEU B 65 2.30 -3.32 29.45
C LEU B 65 2.62 -1.87 29.06
N TRP B 66 3.73 -1.64 28.37
CA TRP B 66 4.05 -0.30 27.84
C TRP B 66 2.92 0.16 26.91
N GLU B 67 2.56 -0.71 25.97
CA GLU B 67 1.44 -0.41 25.03
C GLU B 67 0.14 -0.19 25.79
N LEU B 68 -0.08 -0.92 26.90
CA LEU B 68 -1.31 -0.70 27.72
C LEU B 68 -1.33 0.72 28.29
N VAL B 69 -0.17 1.18 28.77
CA VAL B 69 -0.04 2.59 29.26
C VAL B 69 -0.32 3.56 28.11
N MET B 70 0.13 3.21 26.92
CA MET B 70 -0.08 4.12 25.75
C MET B 70 -1.56 4.14 25.38
N ASP B 71 -2.21 2.98 25.40
CA ASP B 71 -3.65 2.89 25.06
C ASP B 71 -4.45 3.65 26.12
N ALA B 72 -4.12 3.54 27.40
CA ALA B 72 -4.83 4.34 28.41
C ALA B 72 -4.59 5.86 28.20
N TYR B 73 -3.36 6.24 27.85
CA TYR B 73 -2.99 7.64 27.50
C TYR B 73 -3.94 8.13 26.40
N GLN B 74 -4.17 7.32 25.33
CA GLN B 74 -5.02 7.75 24.20
C GLN B 74 -6.49 7.77 24.60
N HIS B 75 -6.89 6.83 25.47
CA HIS B 75 -8.31 6.61 25.82
C HIS B 75 -8.81 7.65 26.81
N THR B 76 -7.97 8.05 27.75
CA THR B 76 -8.46 8.89 28.87
C THR B 76 -8.82 10.28 28.32
N SER B 77 -9.80 10.96 28.90
CA SER B 77 -9.99 12.41 28.64
C SER B 77 -9.74 13.17 29.95
N ASP B 78 -9.15 12.52 30.96
CA ASP B 78 -8.66 13.16 32.21
C ASP B 78 -7.26 13.75 31.95
N PRO B 79 -7.10 15.09 31.89
CA PRO B 79 -5.82 15.68 31.50
C PRO B 79 -4.66 15.35 32.45
N ALA B 80 -5.00 15.23 33.74
CA ALA B 80 -4.05 14.92 34.83
C ALA B 80 -3.60 13.48 34.65
N LEU B 81 -4.52 12.53 34.45
CA LEU B 81 -4.07 11.14 34.12
C LEU B 81 -3.27 11.11 32.80
N LYS B 82 -3.72 11.84 31.76
N LYS B 82 -3.72 11.84 31.77
CA LYS B 82 -3.04 11.77 30.43
CA LYS B 82 -3.06 11.80 30.44
C LYS B 82 -1.58 12.19 30.60
C LYS B 82 -1.58 12.19 30.61
N ALA B 83 -1.34 13.27 31.37
CA ALA B 83 0.03 13.79 31.60
C ALA B 83 0.88 12.76 32.38
N GLU B 84 0.28 12.15 33.40
N GLU B 84 0.27 12.14 33.39
CA GLU B 84 0.92 11.10 34.24
CA GLU B 84 0.93 11.09 34.23
C GLU B 84 1.28 9.90 33.35
C GLU B 84 1.28 9.88 33.36
N LEU B 85 0.33 9.46 32.53
CA LEU B 85 0.58 8.30 31.64
C LEU B 85 1.63 8.66 30.60
N LYS B 86 1.66 9.90 30.11
CA LYS B 86 2.69 10.30 29.11
C LYS B 86 4.08 10.22 29.75
N THR B 87 4.21 10.68 30.97
CA THR B 87 5.48 10.48 31.72
C THR B 87 5.83 8.98 31.88
N GLN B 88 4.83 8.17 32.25
CA GLN B 88 5.03 6.71 32.44
C GLN B 88 5.52 6.06 31.12
N ILE B 89 5.14 6.59 29.94
CA ILE B 89 5.62 6.03 28.66
C ILE B 89 7.13 6.15 28.61
N ASP B 90 7.64 7.31 29.01
CA ASP B 90 9.11 7.49 28.98
C ASP B 90 9.72 6.61 30.09
N ASP B 91 9.10 6.60 31.25
CA ASP B 91 9.65 5.84 32.41
C ASP B 91 9.72 4.34 32.15
N VAL B 92 8.73 3.75 31.48
CA VAL B 92 8.81 2.30 31.19
C VAL B 92 10.03 2.05 30.32
N TYR B 93 10.26 2.89 29.31
CA TYR B 93 11.45 2.70 28.47
C TYR B 93 12.72 2.81 29.31
N ASP B 94 12.81 3.85 30.12
CA ASP B 94 14.00 4.10 30.95
C ASP B 94 14.27 2.91 31.87
N GLY B 95 13.25 2.42 32.57
CA GLY B 95 13.41 1.31 33.52
C GLY B 95 13.92 0.07 32.83
N THR B 96 13.48 -0.16 31.59
CA THR B 96 13.87 -1.38 30.82
C THR B 96 15.28 -1.24 30.28
N VAL B 97 15.59 -0.08 29.76
CA VAL B 97 16.93 0.17 29.15
C VAL B 97 18.02 0.14 30.23
N ALA B 98 17.70 0.53 31.47
CA ALA B 98 18.62 0.38 32.63
C ALA B 98 19.05 -1.09 32.86
N LYS B 99 18.21 -2.10 32.56
CA LYS B 99 18.49 -3.55 32.83
C LYS B 99 18.89 -4.30 31.54
N TYR B 100 18.42 -3.91 30.35
CA TYR B 100 18.61 -4.70 29.10
C TYR B 100 19.36 -3.93 28.01
N GLY B 101 19.72 -2.67 28.26
CA GLY B 101 20.43 -1.86 27.26
C GLY B 101 19.49 -1.28 26.21
N GLN B 102 20.05 -0.51 25.28
CA GLN B 102 19.32 0.15 24.15
C GLN B 102 19.36 -0.74 22.92
N ASP B 103 20.33 -1.67 22.84
CA ASP B 103 20.47 -2.68 21.75
C ASP B 103 19.94 -4.06 22.21
N TRP B 104 18.80 -4.46 21.66
CA TRP B 104 18.13 -5.73 21.98
C TRP B 104 18.50 -6.83 20.99
N THR B 105 19.40 -6.59 20.05
CA THR B 105 19.74 -7.57 19.00
C THR B 105 20.57 -8.73 19.56
N ASN B 106 21.03 -8.63 20.83
CA ASN B 106 21.70 -9.74 21.56
C ASN B 106 20.65 -10.75 22.15
N ASN B 107 19.37 -10.49 21.94
CA ASN B 107 18.26 -11.39 22.35
C ASN B 107 18.01 -12.41 21.25
N PRO B 108 18.13 -13.75 21.51
CA PRO B 108 17.88 -14.75 20.46
C PRO B 108 16.42 -14.78 19.96
N PHE B 109 15.49 -14.29 20.80
CA PHE B 109 14.06 -14.29 20.42
C PHE B 109 13.77 -13.08 19.49
N ASN B 110 13.51 -13.30 18.19
CA ASN B 110 13.12 -12.22 17.29
C ASN B 110 11.82 -11.59 17.80
N ASP B 111 10.93 -12.43 18.37
CA ASP B 111 9.68 -11.85 18.93
C ASP B 111 10.00 -10.80 20.00
N ASP B 112 10.92 -11.10 20.90
CA ASP B 112 11.22 -10.14 21.98
C ASP B 112 11.62 -8.82 21.36
N ILE B 113 12.49 -8.91 20.34
CA ILE B 113 12.98 -7.67 19.68
C ILE B 113 11.80 -6.90 19.04
N MET B 114 10.92 -7.64 18.35
CA MET B 114 9.86 -6.95 17.57
C MET B 114 8.80 -6.37 18.50
N TRP B 115 8.47 -7.05 19.62
CA TRP B 115 7.49 -6.45 20.54
C TRP B 115 8.00 -5.08 21.01
N TRP B 116 9.30 -4.95 21.28
CA TRP B 116 9.85 -3.65 21.69
C TRP B 116 9.99 -2.66 20.52
N ALA B 117 10.27 -3.16 19.31
CA ALA B 117 10.35 -2.24 18.14
C ALA B 117 8.96 -1.65 17.93
N MET B 118 7.91 -2.48 18.02
CA MET B 118 6.53 -1.97 17.80
C MET B 118 6.17 -0.93 18.90
N GLY B 119 6.45 -1.24 20.15
CA GLY B 119 6.18 -0.30 21.22
C GLY B 119 6.92 1.02 20.99
N SER B 120 8.15 0.92 20.57
CA SER B 120 8.98 2.12 20.33
C SER B 120 8.38 2.96 19.19
N ALA B 121 7.89 2.34 18.11
CA ALA B 121 7.27 3.15 17.02
C ALA B 121 6.09 3.92 17.61
N ARG B 122 5.28 3.29 18.45
CA ARG B 122 4.10 3.97 19.06
C ARG B 122 4.54 5.09 19.99
N ALA B 123 5.57 4.84 20.78
CA ALA B 123 6.11 5.88 21.68
C ALA B 123 6.56 7.10 20.87
N TYR B 124 7.18 6.93 19.67
CA TYR B 124 7.59 8.04 18.80
C TYR B 124 6.32 8.80 18.41
N GLN B 125 5.26 8.09 18.00
CA GLN B 125 4.01 8.77 17.59
C GLN B 125 3.51 9.68 18.71
N ILE B 126 3.48 9.16 19.94
CA ILE B 126 2.94 9.90 21.09
C ILE B 126 3.87 11.07 21.48
N THR B 127 5.17 10.84 21.54
CA THR B 127 6.11 11.76 22.22
C THR B 127 6.86 12.64 21.23
N GLY B 128 7.19 12.10 20.08
CA GLY B 128 8.06 12.79 19.11
C GLY B 128 9.52 12.64 19.46
N ASN B 129 9.85 11.88 20.53
CA ASN B 129 11.24 11.74 20.96
C ASN B 129 11.98 10.89 19.93
N PRO B 130 12.98 11.45 19.22
CA PRO B 130 13.73 10.71 18.20
C PRO B 130 14.33 9.39 18.65
N ARG B 131 14.58 9.21 19.96
CA ARG B 131 15.25 7.96 20.43
C ARG B 131 14.31 6.78 20.11
N TYR B 132 13.00 7.02 20.10
CA TYR B 132 11.99 5.95 19.89
C TYR B 132 11.95 5.52 18.43
N LEU B 133 12.02 6.48 17.50
CA LEU B 133 12.11 6.15 16.06
C LEU B 133 13.37 5.36 15.77
N GLU B 134 14.52 5.80 16.29
CA GLU B 134 15.78 5.01 16.10
C GLU B 134 15.60 3.60 16.69
N ALA B 135 15.06 3.48 17.89
CA ALA B 135 14.87 2.15 18.50
C ALA B 135 13.96 1.29 17.61
N ALA B 136 12.89 1.88 17.09
CA ALA B 136 11.88 1.14 16.31
C ALA B 136 12.49 0.73 14.97
N ARG B 137 13.15 1.67 14.28
CA ARG B 137 13.59 1.43 12.89
C ARG B 137 14.77 0.44 12.94
N ASP B 138 15.72 0.68 13.85
CA ASP B 138 16.93 -0.17 13.90
C ASP B 138 16.57 -1.62 14.25
N HIS B 139 15.68 -1.85 15.24
CA HIS B 139 15.31 -3.22 15.67
C HIS B 139 14.41 -3.90 14.64
N PHE B 140 13.45 -3.15 14.03
CA PHE B 140 12.64 -3.74 12.94
C PHE B 140 13.57 -4.12 11.78
N ASP B 141 14.46 -3.21 11.41
CA ASP B 141 15.32 -3.49 10.23
C ASP B 141 16.24 -4.69 10.50
N PHE B 142 16.79 -4.78 11.72
CA PHE B 142 17.62 -5.97 12.06
C PHE B 142 16.82 -7.25 11.80
N VAL B 143 15.62 -7.36 12.37
CA VAL B 143 14.84 -8.62 12.21
C VAL B 143 14.43 -8.81 10.75
N TYR B 144 13.78 -7.80 10.14
CA TYR B 144 13.24 -8.00 8.78
C TYR B 144 14.39 -8.27 7.80
N ASP B 145 15.44 -7.45 7.87
CA ASP B 145 16.53 -7.55 6.87
C ASP B 145 17.32 -8.86 7.05
N THR B 146 17.54 -9.35 8.29
CA THR B 146 18.41 -10.53 8.50
C THR B 146 17.61 -11.82 8.74
N GLN B 147 16.33 -11.73 9.17
CA GLN B 147 15.61 -12.93 9.63
C GLN B 147 14.45 -13.33 8.69
N TRP B 148 14.11 -12.51 7.67
CA TRP B 148 13.24 -12.94 6.56
C TRP B 148 14.01 -13.96 5.74
N ASP B 149 13.34 -15.01 5.29
CA ASP B 149 13.96 -16.10 4.48
C ASP B 149 12.92 -16.69 3.52
N GLU B 150 13.35 -17.12 2.34
CA GLU B 150 12.43 -17.75 1.38
C GLU B 150 12.82 -19.18 1.07
N GLU B 151 13.95 -19.65 1.61
CA GLU B 151 14.38 -21.04 1.43
C GLU B 151 13.40 -21.99 2.11
N PHE B 152 12.84 -21.62 3.27
CA PHE B 152 11.85 -22.45 3.98
C PHE B 152 10.49 -21.75 3.92
N ALA B 153 9.44 -22.53 3.61
CA ALA B 153 8.04 -22.09 3.61
C ALA B 153 7.76 -20.91 2.66
N ASN B 154 8.60 -20.64 1.67
CA ASN B 154 8.47 -19.61 0.60
C ASN B 154 8.40 -18.21 1.21
N GLY B 155 8.99 -18.00 2.37
CA GLY B 155 8.91 -16.67 3.00
C GLY B 155 8.89 -16.76 4.49
N GLY B 156 8.74 -15.65 5.16
CA GLY B 156 8.49 -15.63 6.61
C GLY B 156 9.74 -15.36 7.40
N ILE B 157 9.54 -14.78 8.58
CA ILE B 157 10.57 -14.43 9.56
C ILE B 157 10.77 -15.59 10.55
N TRP B 158 12.00 -16.00 10.72
CA TRP B 158 12.37 -17.03 11.72
C TRP B 158 11.99 -16.62 13.16
N TRP B 159 11.61 -17.60 13.99
CA TRP B 159 11.30 -17.33 15.42
C TRP B 159 12.52 -16.78 16.15
N LEU B 160 13.66 -17.46 15.97
CA LEU B 160 14.92 -17.09 16.69
C LEU B 160 15.94 -16.55 15.70
N ASN B 161 16.92 -15.82 16.21
CA ASN B 161 18.10 -15.46 15.39
C ASN B 161 19.28 -16.38 15.72
N SER B 162 19.11 -17.34 16.63
CA SER B 162 20.07 -18.44 16.89
C SER B 162 19.74 -19.59 15.90
N ASP B 163 18.94 -20.54 16.33
CA ASP B 163 18.51 -21.70 15.54
C ASP B 163 17.42 -21.22 14.58
N HIS B 164 17.40 -21.80 13.39
CA HIS B 164 16.34 -21.56 12.37
C HIS B 164 15.60 -22.87 12.04
N ASN B 165 14.59 -23.17 12.84
CA ASN B 165 13.79 -24.43 12.84
C ASN B 165 12.30 -24.11 12.58
N THR B 166 11.85 -22.89 12.86
CA THR B 166 10.40 -22.57 12.88
C THR B 166 10.17 -21.08 12.57
N LYS B 167 9.03 -20.78 11.93
CA LYS B 167 8.57 -19.42 11.64
C LYS B 167 7.20 -19.26 12.29
N ASN B 168 7.03 -18.25 13.14
CA ASN B 168 5.90 -18.24 14.07
C ASN B 168 5.00 -17.04 13.85
N ALA B 169 3.73 -17.24 14.17
CA ALA B 169 2.80 -16.10 14.08
C ALA B 169 3.26 -14.98 15.02
N CYS B 170 3.78 -15.31 16.19
CA CYS B 170 4.08 -14.32 17.23
C CYS B 170 5.28 -13.45 16.87
N ILE B 171 6.00 -13.75 15.78
CA ILE B 171 7.01 -12.79 15.23
C ILE B 171 6.45 -12.19 13.94
N ASN B 172 5.83 -12.99 13.06
CA ASN B 172 5.45 -12.47 11.74
C ASN B 172 4.36 -11.40 11.80
N PHE B 173 3.25 -11.65 12.50
CA PHE B 173 2.20 -10.61 12.52
C PHE B 173 2.64 -9.36 13.27
N PRO B 174 3.24 -9.46 14.46
CA PRO B 174 3.79 -8.24 15.07
C PRO B 174 4.76 -7.47 14.16
N ALA B 175 5.54 -8.17 13.35
CA ALA B 175 6.51 -7.52 12.44
C ALA B 175 5.70 -6.72 11.39
N ALA B 176 4.62 -7.33 10.87
CA ALA B 176 3.77 -6.59 9.92
C ALA B 176 3.21 -5.36 10.63
N GLN B 177 2.73 -5.46 11.88
CA GLN B 177 2.21 -4.30 12.64
C GLN B 177 3.31 -3.23 12.79
N ALA B 178 4.50 -3.64 13.17
CA ALA B 178 5.62 -2.69 13.35
C ALA B 178 5.90 -1.96 12.03
N ALA B 179 5.94 -2.72 10.94
CA ALA B 179 6.14 -2.15 9.59
C ALA B 179 5.07 -1.10 9.27
N LEU B 180 3.84 -1.36 9.64
CA LEU B 180 2.72 -0.42 9.37
C LEU B 180 2.89 0.84 10.21
N TYR B 181 3.31 0.75 11.44
CA TYR B 181 3.60 1.98 12.22
C TYR B 181 4.80 2.69 11.61
N LEU B 182 5.84 1.98 11.19
CA LEU B 182 6.98 2.71 10.60
C LEU B 182 6.56 3.33 9.27
N TYR B 183 5.69 2.74 8.48
CA TYR B 183 5.18 3.37 7.24
C TYR B 183 4.42 4.64 7.59
N ASP B 184 3.55 4.61 8.59
CA ASP B 184 2.79 5.80 9.01
C ASP B 184 3.74 6.92 9.44
N ILE B 185 4.78 6.60 10.20
CA ILE B 185 5.73 7.63 10.70
C ILE B 185 6.53 8.18 9.53
N THR B 186 7.18 7.31 8.75
CA THR B 186 8.27 7.70 7.85
C THR B 186 7.73 8.05 6.45
N LYS B 187 6.55 7.54 6.10
CA LYS B 187 5.99 7.59 4.73
C LYS B 187 6.91 6.86 3.76
N ASP B 188 7.81 6.00 4.21
CA ASP B 188 8.74 5.28 3.32
C ASP B 188 8.03 4.00 2.84
N GLU B 189 7.77 3.90 1.53
CA GLU B 189 7.01 2.77 0.96
C GLU B 189 7.70 1.45 1.28
N HIS B 190 8.99 1.43 1.54
CA HIS B 190 9.70 0.19 1.92
C HIS B 190 8.89 -0.53 3.04
N TYR B 191 8.41 0.23 4.03
CA TYR B 191 7.73 -0.35 5.21
C TYR B 191 6.35 -0.87 4.83
N LEU B 192 5.63 -0.18 3.92
CA LEU B 192 4.35 -0.76 3.43
C LEU B 192 4.63 -2.04 2.63
N ASN B 193 5.64 -2.04 1.81
CA ASN B 193 5.98 -3.26 1.04
C ASN B 193 6.29 -4.41 2.03
N ALA B 194 7.10 -4.13 3.05
CA ALA B 194 7.44 -5.16 4.07
C ALA B 194 6.16 -5.62 4.73
N ALA B 195 5.34 -4.69 5.24
CA ALA B 195 4.12 -5.09 5.91
C ALA B 195 3.33 -6.02 5.01
N THR B 196 3.13 -5.65 3.77
CA THR B 196 2.29 -6.40 2.82
C THR B 196 2.91 -7.79 2.58
N LYS B 197 4.21 -7.83 2.36
CA LYS B 197 4.90 -9.09 2.06
C LYS B 197 4.76 -10.08 3.26
N ILE B 198 4.95 -9.57 4.46
CA ILE B 198 4.90 -10.40 5.70
C ILE B 198 3.47 -10.88 5.85
N PHE B 199 2.52 -9.97 5.75
CA PHE B 199 1.12 -10.34 6.02
C PHE B 199 0.67 -11.35 4.97
N ARG B 200 0.96 -11.16 3.72
CA ARG B 200 0.50 -12.08 2.62
C ARG B 200 1.07 -13.47 2.87
N TRP B 201 2.34 -13.53 3.20
CA TRP B 201 2.98 -14.82 3.52
C TRP B 201 2.30 -15.47 4.72
N GLY B 202 2.04 -14.68 5.76
CA GLY B 202 1.40 -15.23 6.98
C GLY B 202 0.00 -15.71 6.69
N LYS B 203 -0.80 -14.95 5.98
CA LYS B 203 -2.15 -15.45 5.71
C LYS B 203 -2.04 -16.79 4.95
N THR B 204 -1.15 -16.89 3.97
CA THR B 204 -1.03 -18.08 3.12
C THR B 204 -0.53 -19.29 3.95
N MET B 205 0.51 -19.09 4.73
N MET B 205 0.50 -19.09 4.76
CA MET B 205 1.25 -20.20 5.41
CA MET B 205 1.25 -20.21 5.42
C MET B 205 0.79 -20.40 6.86
C MET B 205 0.96 -20.34 6.91
N LEU B 206 0.30 -19.36 7.53
CA LEU B 206 0.02 -19.40 8.98
C LEU B 206 -1.46 -19.14 9.24
N THR B 207 -2.34 -19.40 8.28
CA THR B 207 -3.79 -19.42 8.53
C THR B 207 -4.45 -20.42 7.60
N ASP B 208 -5.70 -20.73 7.93
CA ASP B 208 -6.51 -21.69 7.11
C ASP B 208 -7.21 -20.90 5.99
N GLY B 209 -6.91 -19.62 5.78
CA GLY B 209 -7.61 -18.81 4.77
C GLY B 209 -8.98 -18.34 5.22
N ASN B 210 -9.46 -18.79 6.38
CA ASN B 210 -10.82 -18.47 6.86
C ASN B 210 -10.79 -17.90 8.28
N GLY B 211 -9.68 -17.32 8.67
CA GLY B 211 -9.63 -16.56 9.94
C GLY B 211 -8.93 -17.29 11.07
N LYS B 212 -8.59 -18.57 10.92
CA LYS B 212 -7.85 -19.28 11.98
C LYS B 212 -6.35 -19.11 11.79
N VAL B 213 -5.71 -18.53 12.81
CA VAL B 213 -4.26 -18.30 12.74
C VAL B 213 -3.53 -19.43 13.44
N PHE B 214 -2.66 -20.06 12.66
CA PHE B 214 -1.77 -21.11 13.15
C PHE B 214 -0.66 -20.56 14.00
N ASP B 215 -0.18 -21.38 14.95
CA ASP B 215 0.88 -20.95 15.88
C ASP B 215 2.17 -20.71 15.09
N ARG B 216 2.52 -21.65 14.22
CA ARG B 216 3.89 -21.65 13.66
C ARG B 216 3.96 -22.70 12.55
N ILE B 217 5.03 -22.62 11.77
CA ILE B 217 5.33 -23.68 10.77
C ILE B 217 6.77 -24.13 11.00
N GLU B 218 6.97 -25.41 11.25
CA GLU B 218 8.28 -26.00 11.58
C GLU B 218 8.82 -26.73 10.35
N ILE B 219 10.14 -26.72 10.21
CA ILE B 219 10.82 -27.50 9.16
C ILE B 219 10.41 -28.96 9.21
N GLU B 220 10.44 -29.56 10.40
CA GLU B 220 10.21 -31.04 10.49
C GLU B 220 8.72 -31.35 10.31
N HIS B 221 7.85 -30.72 11.10
CA HIS B 221 6.42 -31.09 11.32
C HIS B 221 5.49 -30.33 10.36
N GLY B 222 5.96 -29.24 9.73
CA GLY B 222 5.06 -28.31 9.01
C GLY B 222 4.20 -27.46 9.95
N ALA B 223 2.97 -27.17 9.55
CA ALA B 223 2.08 -26.25 10.29
C ALA B 223 1.59 -26.89 11.59
N VAL B 224 1.54 -26.06 12.63
CA VAL B 224 1.00 -26.37 13.98
C VAL B 224 -0.24 -25.54 14.12
N PRO B 225 -1.43 -26.07 13.77
CA PRO B 225 -2.64 -25.24 13.69
C PRO B 225 -3.33 -25.00 15.03
N ASP B 226 -2.54 -24.56 16.02
CA ASP B 226 -2.99 -24.27 17.39
C ASP B 226 -3.23 -22.76 17.46
N ALA B 227 -4.47 -22.37 17.63
CA ALA B 227 -4.85 -20.94 17.62
C ALA B 227 -4.87 -20.42 19.06
N THR B 228 -4.52 -19.13 19.21
CA THR B 228 -4.44 -18.43 20.50
C THR B 228 -4.88 -17.00 20.37
N HIS B 229 -5.23 -16.40 21.48
CA HIS B 229 -5.72 -15.03 21.52
C HIS B 229 -4.69 -14.10 20.88
N TYR B 230 -3.43 -14.17 21.25
CA TYR B 230 -2.48 -13.10 20.86
C TYR B 230 -2.16 -13.15 19.37
N ASN B 231 -2.24 -14.34 18.76
CA ASN B 231 -1.98 -14.53 17.31
C ASN B 231 -3.21 -14.14 16.52
N GLN B 232 -4.41 -14.43 17.03
CA GLN B 232 -5.61 -13.87 16.37
C GLN B 232 -5.46 -12.36 16.41
N GLY B 233 -5.02 -11.82 17.56
CA GLY B 233 -5.01 -10.38 17.75
C GLY B 233 -4.06 -9.67 16.78
N THR B 234 -2.81 -10.13 16.66
CA THR B 234 -1.81 -9.42 15.81
C THR B 234 -2.15 -9.63 14.34
N TYR B 235 -2.76 -10.75 13.98
CA TYR B 235 -3.24 -10.91 12.60
C TYR B 235 -4.33 -9.87 12.35
N ILE B 236 -5.30 -9.74 13.26
CA ILE B 236 -6.43 -8.78 13.09
C ILE B 236 -5.89 -7.38 12.99
N GLY B 237 -4.97 -7.00 13.86
CA GLY B 237 -4.44 -5.63 13.82
C GLY B 237 -3.63 -5.34 12.56
N SER B 238 -2.86 -6.31 12.07
N SER B 238 -2.80 -6.30 12.12
CA SER B 238 -2.09 -6.06 10.83
CA SER B 238 -2.10 -6.20 10.81
C SER B 238 -3.05 -6.04 9.62
C SER B 238 -3.13 -5.93 9.72
N ALA B 239 -4.15 -6.77 9.66
CA ALA B 239 -5.16 -6.72 8.57
C ALA B 239 -5.88 -5.40 8.61
N VAL B 240 -6.24 -4.88 9.78
CA VAL B 240 -6.93 -3.57 9.85
C VAL B 240 -5.92 -2.50 9.42
N GLY B 241 -4.66 -2.60 9.82
CA GLY B 241 -3.68 -1.57 9.43
C GLY B 241 -3.41 -1.58 7.93
N LEU B 242 -3.37 -2.73 7.30
CA LEU B 242 -3.26 -2.84 5.83
C LEU B 242 -4.50 -2.27 5.16
N TYR B 243 -5.69 -2.57 5.70
CA TYR B 243 -6.91 -1.95 5.15
C TYR B 243 -6.76 -0.43 5.19
N LYS B 244 -6.34 0.11 6.32
CA LYS B 244 -6.24 1.59 6.39
C LYS B 244 -5.13 2.14 5.47
N ALA B 245 -4.03 1.43 5.30
CA ALA B 245 -2.93 1.95 4.45
C ALA B 245 -3.26 1.85 2.97
N THR B 246 -3.98 0.83 2.55
CA THR B 246 -4.17 0.47 1.12
C THR B 246 -5.58 0.78 0.63
N GLY B 247 -6.56 0.85 1.49
CA GLY B 247 -7.99 0.90 1.13
C GLY B 247 -8.52 -0.38 0.50
N ASN B 248 -7.74 -1.46 0.52
CA ASN B 248 -8.19 -2.74 -0.09
C ASN B 248 -9.11 -3.48 0.89
N ALA B 249 -10.38 -3.50 0.54
CA ALA B 249 -11.45 -4.13 1.35
C ALA B 249 -11.12 -5.56 1.77
N VAL B 250 -10.32 -6.29 1.01
N VAL B 250 -10.32 -6.31 1.01
CA VAL B 250 -10.01 -7.71 1.38
CA VAL B 250 -10.02 -7.72 1.41
C VAL B 250 -9.33 -7.77 2.76
C VAL B 250 -9.37 -7.74 2.79
N TYR B 251 -8.60 -6.72 3.15
CA TYR B 251 -7.91 -6.76 4.46
C TYR B 251 -8.96 -6.64 5.56
N LEU B 252 -9.95 -5.77 5.38
CA LEU B 252 -11.00 -5.62 6.41
C LEU B 252 -11.75 -6.95 6.46
N ASP B 253 -11.98 -7.61 5.34
CA ASP B 253 -12.66 -8.94 5.36
C ASP B 253 -11.80 -9.98 6.11
N ASP B 254 -10.51 -9.94 5.93
CA ASP B 254 -9.56 -10.84 6.62
C ASP B 254 -9.74 -10.64 8.13
N ALA B 255 -9.78 -9.38 8.57
CA ALA B 255 -9.91 -9.07 10.01
C ALA B 255 -11.24 -9.61 10.52
N VAL B 256 -12.32 -9.37 9.81
CA VAL B 256 -13.66 -9.76 10.25
C VAL B 256 -13.62 -11.29 10.36
N LYS B 257 -13.07 -12.00 9.39
CA LYS B 257 -13.10 -13.50 9.44
C LYS B 257 -12.31 -13.98 10.63
N ALA B 258 -11.23 -13.35 11.00
CA ALA B 258 -10.43 -13.79 12.16
C ALA B 258 -11.15 -13.45 13.49
N ALA B 259 -11.89 -12.34 13.53
CA ALA B 259 -12.64 -11.97 14.73
C ALA B 259 -13.77 -13.00 14.89
N LYS B 260 -14.37 -13.42 13.79
CA LYS B 260 -15.47 -14.42 13.85
C LYS B 260 -14.89 -15.74 14.37
N PHE B 261 -13.74 -16.18 13.85
CA PHE B 261 -13.10 -17.39 14.40
C PHE B 261 -12.94 -17.26 15.90
N THR B 262 -12.36 -16.16 16.30
CA THR B 262 -12.02 -15.96 17.70
C THR B 262 -13.24 -16.09 18.59
N LYS B 263 -14.29 -15.40 18.24
CA LYS B 263 -15.45 -15.29 19.14
C LYS B 263 -16.23 -16.61 19.16
N ASN B 264 -16.01 -17.51 18.20
CA ASN B 264 -16.76 -18.81 18.28
C ASN B 264 -15.88 -19.98 18.70
N HIS B 265 -14.58 -19.82 18.72
CA HIS B 265 -13.65 -20.93 19.07
C HIS B 265 -12.86 -20.66 20.34
N LEU B 266 -12.35 -19.45 20.57
CA LEU B 266 -11.40 -19.17 21.68
C LEU B 266 -12.16 -18.59 22.88
N VAL B 267 -13.32 -19.18 23.12
CA VAL B 267 -14.29 -18.83 24.20
C VAL B 267 -14.73 -20.07 24.93
N ASP B 268 -15.21 -19.85 26.12
CA ASP B 268 -15.91 -20.93 26.87
C ASP B 268 -17.32 -21.08 26.33
N SER B 269 -18.07 -22.04 26.86
CA SER B 269 -19.42 -22.31 26.34
C SER B 269 -20.40 -21.19 26.61
N ASN B 270 -20.04 -20.20 27.44
CA ASN B 270 -20.92 -19.03 27.67
C ASN B 270 -20.53 -17.87 26.78
N GLY B 271 -19.49 -17.98 25.95
CA GLY B 271 -19.10 -16.89 25.04
C GLY B 271 -18.01 -15.98 25.63
N VAL B 272 -17.53 -16.26 26.84
CA VAL B 272 -16.48 -15.46 27.49
C VAL B 272 -15.15 -15.94 26.91
N LEU B 273 -14.29 -14.99 26.48
CA LEU B 273 -12.94 -15.37 26.02
C LEU B 273 -12.30 -16.32 27.05
N ASN B 274 -11.61 -17.31 26.52
CA ASN B 274 -10.84 -18.36 27.24
C ASN B 274 -9.87 -17.76 28.23
N TYR B 275 -9.60 -18.53 29.26
CA TYR B 275 -8.41 -18.37 30.10
C TYR B 275 -7.32 -19.28 29.55
N GLU B 276 -6.25 -18.71 29.03
CA GLU B 276 -5.25 -19.54 28.32
C GLU B 276 -4.09 -19.94 29.23
N GLY B 277 -4.16 -19.66 30.52
CA GLY B 277 -3.27 -20.40 31.46
C GLY B 277 -3.35 -21.91 31.27
N PRO B 278 -2.41 -22.74 31.77
CA PRO B 278 -1.36 -22.31 32.67
C PRO B 278 -0.05 -21.79 32.03
N ASN B 279 0.09 -21.88 30.71
CA ASN B 279 1.27 -21.29 30.03
C ASN B 279 1.39 -19.79 30.40
N GLY B 280 2.53 -19.35 30.90
CA GLY B 280 2.73 -17.97 31.38
C GLY B 280 2.73 -16.89 30.29
N ASP B 281 3.16 -17.25 29.11
CA ASP B 281 3.18 -16.31 27.96
C ASP B 281 1.75 -16.14 27.47
N LEU B 282 0.94 -17.21 27.45
CA LEU B 282 -0.46 -17.10 26.95
C LEU B 282 -1.41 -16.50 27.98
N LYS B 283 -1.17 -16.66 29.27
CA LYS B 283 -2.15 -16.28 30.30
C LYS B 283 -2.70 -14.86 30.10
N GLY B 284 -1.82 -13.91 29.71
CA GLY B 284 -2.23 -12.52 29.48
C GLY B 284 -2.60 -12.21 28.05
N GLY B 285 -2.68 -13.22 27.18
CA GLY B 285 -2.77 -12.93 25.70
C GLY B 285 -4.01 -12.14 25.37
N LYS B 286 -5.07 -12.24 26.17
CA LYS B 286 -6.29 -11.44 25.95
C LYS B 286 -5.95 -9.96 25.87
N THR B 287 -4.88 -9.52 26.52
CA THR B 287 -4.46 -8.11 26.44
C THR B 287 -4.19 -7.70 24.98
N ILE B 288 -3.37 -8.48 24.28
CA ILE B 288 -3.02 -8.27 22.88
C ILE B 288 -4.25 -8.45 21.97
N LEU B 289 -5.07 -9.44 22.27
CA LEU B 289 -6.32 -9.62 21.50
C LEU B 289 -7.24 -8.42 21.65
N MET B 290 -7.53 -7.96 22.85
CA MET B 290 -8.49 -6.87 23.08
C MET B 290 -7.94 -5.61 22.40
N ARG B 291 -6.66 -5.35 22.53
CA ARG B 291 -6.06 -4.15 21.91
C ARG B 291 -6.39 -4.10 20.42
N ASN B 292 -6.30 -5.23 19.74
CA ASN B 292 -6.46 -5.30 18.27
C ASN B 292 -7.96 -5.42 17.92
N LEU B 293 -8.78 -6.08 18.73
CA LEU B 293 -10.22 -6.12 18.48
C LEU B 293 -10.76 -4.68 18.53
N ALA B 294 -10.21 -3.83 19.41
CA ALA B 294 -10.62 -2.43 19.48
C ALA B 294 -10.36 -1.73 18.17
N HIS B 295 -9.27 -2.05 17.46
CA HIS B 295 -8.99 -1.41 16.17
C HIS B 295 -10.09 -1.83 15.20
N LEU B 296 -10.44 -3.11 15.19
CA LEU B 296 -11.50 -3.57 14.24
C LEU B 296 -12.85 -2.92 14.59
N GLN B 297 -13.16 -2.84 15.87
CA GLN B 297 -14.45 -2.27 16.31
C GLN B 297 -14.47 -0.82 15.86
N LYS B 298 -13.38 -0.07 16.03
CA LYS B 298 -13.35 1.39 15.65
C LYS B 298 -13.59 1.53 14.13
N THR B 299 -12.87 0.76 13.35
CA THR B 299 -13.00 0.75 11.88
C THR B 299 -14.41 0.41 11.46
N LEU B 300 -15.03 -0.61 11.99
CA LEU B 300 -16.41 -0.92 11.58
C LEU B 300 -17.39 0.15 12.07
N ASP B 301 -17.20 0.70 13.25
CA ASP B 301 -18.21 1.59 13.88
C ASP B 301 -18.17 2.90 13.08
N GLU B 302 -17.03 3.22 12.45
CA GLU B 302 -16.86 4.51 11.76
C GLU B 302 -17.05 4.40 10.25
N THR B 303 -17.10 3.19 9.67
CA THR B 303 -17.34 2.97 8.21
C THR B 303 -18.80 2.56 7.99
N GLY B 304 -19.43 1.98 8.99
CA GLY B 304 -20.72 1.31 8.80
C GLY B 304 -20.59 0.10 7.89
N GLN B 305 -19.36 -0.41 7.66
CA GLN B 305 -19.17 -1.68 6.92
C GLN B 305 -19.52 -2.85 7.87
N TYR B 306 -19.90 -3.96 7.28
CA TYR B 306 -20.29 -5.22 7.99
C TYR B 306 -21.25 -4.89 9.12
N PRO B 307 -22.36 -4.19 8.81
CA PRO B 307 -23.27 -3.71 9.84
C PRO B 307 -23.84 -4.81 10.76
N GLU B 308 -24.18 -5.96 10.19
CA GLU B 308 -24.78 -7.08 10.97
C GLU B 308 -23.70 -7.65 11.90
N PHE B 309 -22.52 -7.93 11.37
CA PHE B 309 -21.43 -8.42 12.26
C PHE B 309 -21.07 -7.35 13.30
N SER B 310 -20.92 -6.09 12.87
CA SER B 310 -20.54 -4.99 13.78
C SER B 310 -21.48 -5.02 15.00
N ALA B 311 -22.78 -5.12 14.78
CA ALA B 311 -23.74 -5.17 15.93
C ALA B 311 -23.52 -6.40 16.84
N GLU B 312 -23.33 -7.57 16.28
CA GLU B 312 -23.08 -8.79 17.09
C GLU B 312 -21.72 -8.69 17.81
N PHE B 313 -20.74 -8.13 17.14
CA PHE B 313 -19.35 -8.00 17.66
C PHE B 313 -19.38 -7.04 18.86
N ASP B 314 -20.07 -5.91 18.69
CA ASP B 314 -20.19 -4.93 19.80
C ASP B 314 -20.89 -5.63 20.99
N GLU B 315 -21.98 -6.39 20.77
CA GLU B 315 -22.73 -7.01 21.87
C GLU B 315 -21.81 -8.02 22.60
N TRP B 316 -21.03 -8.78 21.84
CA TRP B 316 -20.15 -9.82 22.42
C TRP B 316 -18.97 -9.18 23.19
N LEU B 317 -18.39 -8.10 22.65
CA LEU B 317 -17.31 -7.32 23.34
C LEU B 317 -17.87 -6.77 24.63
N ALA B 318 -19.09 -6.19 24.59
CA ALA B 318 -19.63 -5.55 25.78
C ALA B 318 -19.90 -6.64 26.85
N PHE B 319 -20.43 -7.81 26.45
CA PHE B 319 -20.70 -8.97 27.35
C PHE B 319 -19.39 -9.39 28.00
N ASN B 320 -18.32 -9.48 27.23
CA ASN B 320 -17.03 -9.91 27.80
C ASN B 320 -16.54 -8.89 28.84
N ILE B 321 -16.59 -7.62 28.47
CA ILE B 321 -16.07 -6.51 29.33
C ILE B 321 -16.90 -6.54 30.63
N GLU B 322 -18.22 -6.66 30.57
CA GLU B 322 -19.10 -6.61 31.78
C GLU B 322 -18.74 -7.85 32.61
N MET B 323 -18.47 -8.98 31.97
CA MET B 323 -18.15 -10.23 32.70
C MET B 323 -16.83 -10.00 33.47
N ALA B 324 -15.81 -9.47 32.79
CA ALA B 324 -14.48 -9.24 33.40
C ALA B 324 -14.70 -8.40 34.64
N TRP B 325 -15.34 -7.25 34.45
CA TRP B 325 -15.41 -6.23 35.53
C TRP B 325 -16.31 -6.70 36.66
N SER B 326 -17.20 -7.65 36.37
CA SER B 326 -18.08 -8.26 37.40
C SER B 326 -17.23 -9.02 38.44
N HIS B 327 -16.00 -9.39 38.08
N HIS B 327 -16.02 -9.46 38.09
CA HIS B 327 -15.14 -10.29 38.88
CA HIS B 327 -15.16 -10.31 38.97
C HIS B 327 -13.95 -9.51 39.47
C HIS B 327 -13.90 -9.52 39.36
N GLN B 328 -13.99 -8.19 39.41
CA GLN B 328 -12.97 -7.35 40.09
C GLN B 328 -12.97 -7.60 41.60
N ASN B 329 -11.79 -7.46 42.19
CA ASN B 329 -11.60 -7.49 43.67
C ASN B 329 -11.80 -6.07 44.22
N SER B 330 -11.67 -5.88 45.53
CA SER B 330 -11.97 -4.57 46.17
C SER B 330 -10.92 -3.54 45.77
N ASP B 331 -9.78 -3.98 45.22
CA ASP B 331 -8.71 -3.06 44.70
C ASP B 331 -8.91 -2.79 43.18
N HIS B 332 -10.04 -3.20 42.60
CA HIS B 332 -10.42 -3.03 41.18
C HIS B 332 -9.39 -3.69 40.25
N ILE B 333 -8.85 -4.83 40.69
CA ILE B 333 -8.00 -5.74 39.87
C ILE B 333 -8.83 -6.94 39.42
N VAL B 334 -8.65 -7.33 38.16
CA VAL B 334 -9.38 -8.47 37.56
C VAL B 334 -8.35 -9.51 37.15
N ASP B 335 -8.38 -10.67 37.78
CA ASP B 335 -7.54 -11.83 37.40
C ASP B 335 -7.94 -12.23 35.97
N GLY B 336 -7.02 -12.83 35.24
CA GLY B 336 -7.24 -13.28 33.86
C GLY B 336 -8.28 -14.33 33.65
N ASN B 337 -8.72 -15.06 34.68
CA ASN B 337 -9.84 -16.02 34.55
C ASN B 337 -11.14 -15.23 34.69
N TRP B 338 -11.57 -14.61 33.61
CA TRP B 338 -12.70 -13.65 33.61
C TRP B 338 -14.01 -14.28 34.09
N ALA B 339 -14.25 -15.53 33.73
CA ALA B 339 -15.49 -16.27 34.08
C ALA B 339 -15.49 -16.74 35.55
N GLY B 340 -14.41 -16.58 36.31
CA GLY B 340 -14.11 -17.45 37.47
C GLY B 340 -14.31 -16.73 38.77
N LEU B 342 -13.96 -15.29 42.02
CA LEU B 342 -13.22 -14.24 42.76
C LEU B 342 -12.26 -14.90 43.75
N LEU B 343 -10.95 -14.81 43.50
CA LEU B 343 -9.91 -15.51 44.30
C LEU B 343 -9.20 -14.50 45.20
N SER B 344 -8.67 -14.95 46.32
CA SER B 344 -7.73 -14.17 47.17
C SER B 344 -6.30 -14.59 46.82
N GLY B 345 -5.30 -13.97 47.43
CA GLY B 345 -3.91 -14.39 47.22
C GLY B 345 -3.35 -13.67 46.02
N THR B 346 -2.47 -14.31 45.26
CA THR B 346 -1.50 -13.63 44.35
C THR B 346 -2.16 -13.33 43.00
N TYR B 347 -2.16 -12.07 42.59
CA TYR B 347 -2.60 -11.68 41.23
C TYR B 347 -1.35 -11.40 40.40
N GLU B 348 -1.42 -11.67 39.09
CA GLU B 348 -0.26 -11.51 38.19
C GLU B 348 -0.55 -10.33 37.27
N SER B 349 0.43 -9.49 37.01
CA SER B 349 0.18 -8.29 36.18
C SER B 349 -0.14 -8.66 34.74
N TRP B 350 0.46 -9.71 34.17
CA TRP B 350 0.15 -10.08 32.76
C TRP B 350 -1.31 -10.52 32.63
N SER B 351 -1.72 -11.46 33.47
CA SER B 351 -3.09 -12.03 33.53
C SER B 351 -4.09 -10.89 33.77
N SER B 352 -3.76 -9.96 34.68
CA SER B 352 -4.66 -8.87 35.15
C SER B 352 -4.70 -7.68 34.17
N ALA B 353 -3.77 -7.65 33.23
CA ALA B 353 -3.73 -6.51 32.29
C ALA B 353 -4.91 -6.54 31.32
N ALA B 354 -5.44 -7.73 31.04
CA ALA B 354 -6.41 -7.87 29.92
C ALA B 354 -7.67 -7.07 30.21
N ALA B 355 -8.11 -7.06 31.47
CA ALA B 355 -9.35 -6.32 31.85
C ALA B 355 -9.16 -4.83 31.68
N VAL B 356 -7.95 -4.37 32.01
CA VAL B 356 -7.61 -2.92 31.92
C VAL B 356 -7.61 -2.54 30.44
N GLN B 357 -6.95 -3.38 29.63
CA GLN B 357 -6.90 -3.17 28.18
C GLN B 357 -8.32 -3.09 27.64
N ALA B 358 -9.19 -3.99 28.08
CA ALA B 358 -10.57 -4.05 27.57
C ALA B 358 -11.32 -2.73 27.79
N LEU B 359 -11.06 -2.05 28.89
CA LEU B 359 -11.73 -0.78 29.24
C LEU B 359 -10.98 0.43 28.64
N ASN B 360 -9.87 0.24 27.92
CA ASN B 360 -9.05 1.32 27.31
C ASN B 360 -8.90 1.11 25.80
N GLY B 361 -9.90 0.50 25.19
CA GLY B 361 -9.90 0.24 23.73
C GLY B 361 -9.73 1.52 22.90
N ILE B 362 -8.84 1.52 21.90
CA ILE B 362 -8.69 2.65 20.94
C ILE B 362 -8.63 2.12 19.50
N UNK C 1 17.10 0.80 37.68
CA UNK C 1 16.91 2.12 38.41
C UNK C 1 16.49 1.88 39.86
N UNK C 2 16.89 2.78 40.77
CA UNK C 2 16.44 2.84 42.19
C UNK C 2 16.15 4.32 42.51
N UNK C 3 15.08 4.86 41.90
CA UNK C 3 14.76 6.33 41.84
C UNK C 3 14.40 6.82 43.25
N UNK C 4 13.83 5.94 44.08
CA UNK C 4 13.29 6.23 45.43
C UNK C 4 14.22 5.54 46.44
#